data_5O52
#
_entry.id   5O52
#
_cell.length_a   128.730
_cell.length_b   128.730
_cell.length_c   116.250
_cell.angle_alpha   90.00
_cell.angle_beta   90.00
_cell.angle_gamma   90.00
#
_symmetry.space_group_name_H-M   'P 43 21 2'
#
loop_
_entity.id
_entity.type
_entity.pdbx_description
1 polymer 'Glycogen phosphorylase, muscle form'
2 non-polymer "PYRIDOXAL-5'-PHOSPHATE"
3 non-polymer (2~{R},3~{S},4~{R},5~{R},6~{R})-5-azanyl-2-(hydroxymethyl)-6-(4-naphthalen-2-yl-1~{H}-imidazol-2-yl)oxane-3,4-diol
4 water water
#
_entity_poly.entity_id   1
_entity_poly.type   'polypeptide(L)'
_entity_poly.pdbx_seq_one_letter_code
;MSRPLSDQEKRKQISVRGLAGVENVTELKKNFNRHLHFTLVKDRNVATPRDYYFALAHTVRDHLVGRWIRTQQHYYEKDP
KRIYYLSLEFYMGRTLQNTMVNLALENACDEATYQLGLDMEELEEIEEDAGLGNGGLGRLAACFLDSMATLGLAAYGYGI
RYEFGIFNQKICGGWQMEEADDWLRYGNPWEKARPEFTLPVHFYGRVEHTSQGAKWVDTQVVLAMPYDTPVPGYRNNVVN
TMRLWSAKAPNDFNLKDFNVGGYIQAVLDRNLAENISRVLYPNDNFFEGKELRLKQEYFVVAATLQDIIRRFKSSKFGCR
DPVRTNFDAFPDKVAIQLNDTHPSLAIPELMRVLVDLERLDWDKAWEVTVKTCAYTNHTVLPEALERWPVHLLETLLPRH
LQIIYEINQRFLNRVAAAFPGDVDRLRRMSLVEEGAVKRINMAHLCIAGSHAVNGVARIHSEILKKTIFKDFYELEPHKF
QNKTNGITPRRWLVLCNPGLAEIIAERIGEEYISDLDQLRKLLSYVDDEAFIRDVAKVKQENKLKFAAYLEREYKVHINP
NSLFDVQVKRIHEYKRQLLNCLHVITLYNRIKKEPNKFVVPRTVMIGGKAAPGYHMAKMIIKLITAIGDVVNHDPVVGDR
LRVIFLENYRVSLAEKVIPAADLSEQISTAGTEASGTGNMKFMLNGALTIGTMDGANVEMAEEAGEENFFIFGMRVEDVD
RLDQRGYNAQEYYDRIPELRQIIEQLSSGFFSPKQPDLFKDIVNMLMHHDRFKVFADYEEYVKCQERVSALYKNPREWTR
MVIRNIATSGKFSSDRTIAQYAREIWGVEPSRQRLPAPDEKIP
;
_entity_poly.pdbx_strand_id   A
#
loop_
_chem_comp.id
_chem_comp.type
_chem_comp.name
_chem_comp.formula
9LE non-polymer (2~{R},3~{S},4~{R},5~{R},6~{R})-5-azanyl-2-(hydroxymethyl)-6-(4-naphthalen-2-yl-1~{H}-imidazol-2-yl)oxane-3,4-diol 'C19 H21 N3 O4'
PLP non-polymer PYRIDOXAL-5'-PHOSPHATE 'C8 H10 N O6 P'
#
# COMPACT_ATOMS: atom_id res chain seq x y z
N GLN A 13 -25.57 2.71 19.28
CA GLN A 13 -26.36 3.32 18.17
C GLN A 13 -26.63 2.32 17.02
N ILE A 14 -25.56 1.78 16.40
CA ILE A 14 -25.66 0.77 15.32
C ILE A 14 -25.03 -0.58 15.75
N SER A 15 -25.65 -1.67 15.30
CA SER A 15 -25.38 -3.04 15.82
C SER A 15 -23.95 -3.56 15.59
N VAL A 16 -23.40 -3.36 14.38
CA VAL A 16 -22.01 -3.80 14.08
C VAL A 16 -20.92 -3.14 14.95
N ARG A 17 -21.26 -2.06 15.65
CA ARG A 17 -20.31 -1.41 16.58
C ARG A 17 -20.27 -2.01 18.00
N GLY A 18 -21.14 -2.99 18.27
CA GLY A 18 -21.05 -3.81 19.49
C GLY A 18 -21.96 -3.33 20.61
N LEU A 19 -21.80 -3.94 21.78
CA LEU A 19 -22.65 -3.67 22.96
C LEU A 19 -22.07 -2.56 23.85
N ALA A 20 -22.95 -1.76 24.42
CA ALA A 20 -22.58 -0.75 25.40
C ALA A 20 -23.24 -1.08 26.74
N GLY A 21 -22.75 -2.15 27.38
CA GLY A 21 -23.22 -2.56 28.71
C GLY A 21 -22.86 -1.57 29.82
N VAL A 22 -23.78 -1.38 30.78
CA VAL A 22 -23.57 -0.46 31.90
C VAL A 22 -22.22 -0.65 32.63
N GLU A 23 -21.84 -1.91 32.86
CA GLU A 23 -20.60 -2.24 33.59
C GLU A 23 -19.38 -1.80 32.77
N ASN A 24 -19.36 -2.19 31.49
CA ASN A 24 -18.32 -1.81 30.56
C ASN A 24 -18.14 -0.30 30.47
N VAL A 25 -19.23 0.43 30.25
CA VAL A 25 -19.18 1.88 30.13
C VAL A 25 -18.66 2.55 31.42
N THR A 26 -19.14 2.09 32.57
CA THR A 26 -18.69 2.61 33.88
C THR A 26 -17.14 2.45 34.02
N GLU A 27 -16.65 1.27 33.65
CA GLU A 27 -15.23 0.94 33.76
C GLU A 27 -14.36 1.75 32.79
N LEU A 28 -14.85 1.92 31.56
CA LEU A 28 -14.18 2.79 30.59
C LEU A 28 -14.09 4.24 31.07
N LYS A 29 -15.18 4.76 31.63
CA LYS A 29 -15.16 6.12 32.18
C LYS A 29 -14.15 6.30 33.33
N LYS A 30 -14.09 5.33 34.24
CA LYS A 30 -13.17 5.42 35.36
C LYS A 30 -11.70 5.32 34.88
N ASN A 31 -11.42 4.45 33.92
CA ASN A 31 -10.07 4.30 33.40
C ASN A 31 -9.62 5.50 32.55
N PHE A 32 -10.53 6.09 31.80
CA PHE A 32 -10.29 7.36 31.11
C PHE A 32 -9.83 8.46 32.10
N ASN A 33 -10.58 8.65 33.17
CA ASN A 33 -10.23 9.65 34.19
C ASN A 33 -8.92 9.31 34.93
N ARG A 34 -8.67 8.02 35.17
CA ARG A 34 -7.40 7.57 35.72
C ARG A 34 -6.23 7.96 34.80
N HIS A 35 -6.33 7.68 33.51
CA HIS A 35 -5.25 8.03 32.58
C HIS A 35 -5.08 9.55 32.45
N LEU A 36 -6.18 10.30 32.45
CA LEU A 36 -6.06 11.75 32.34
C LEU A 36 -5.22 12.33 33.49
N HIS A 37 -5.46 11.82 34.70
CA HIS A 37 -4.80 12.25 35.91
C HIS A 37 -3.38 11.67 35.98
N PHE A 38 -3.25 10.35 36.04
CA PHE A 38 -1.94 9.71 36.28
C PHE A 38 -1.00 9.61 35.09
N THR A 39 -1.53 9.45 33.90
CA THR A 39 -0.73 9.24 32.73
C THR A 39 -0.42 10.58 32.08
N LEU A 40 -1.41 11.45 31.97
CA LEU A 40 -1.22 12.70 31.27
C LEU A 40 -0.90 13.84 32.19
N VAL A 41 -1.17 13.71 33.50
CA VAL A 41 -0.90 14.75 34.51
C VAL A 41 -1.59 16.05 34.13
N LYS A 42 -2.90 15.95 33.84
CA LYS A 42 -3.76 17.08 33.57
C LYS A 42 -5.00 16.94 34.45
N ASP A 43 -5.69 18.05 34.74
CA ASP A 43 -7.07 17.95 35.22
C ASP A 43 -7.96 18.51 34.14
N ARG A 44 -9.26 18.33 34.30
CA ARG A 44 -10.24 18.69 33.28
C ARG A 44 -10.34 20.19 33.00
N ASN A 45 -9.80 21.05 33.86
CA ASN A 45 -9.82 22.50 33.64
C ASN A 45 -8.81 22.96 32.60
N VAL A 46 -7.70 22.23 32.45
CA VAL A 46 -6.64 22.59 31.50
C VAL A 46 -6.49 21.60 30.34
N ALA A 47 -7.26 20.52 30.32
CA ALA A 47 -7.14 19.50 29.27
C ALA A 47 -7.62 20.03 27.92
N THR A 48 -6.90 19.70 26.87
CA THR A 48 -7.28 20.02 25.50
C THR A 48 -7.85 18.79 24.82
N PRO A 49 -8.48 18.97 23.65
CA PRO A 49 -8.89 17.78 22.91
C PRO A 49 -7.78 16.76 22.68
N ARG A 50 -6.52 17.19 22.49
CA ARG A 50 -5.42 16.23 22.31
C ARG A 50 -5.21 15.37 23.57
N ASP A 51 -5.32 16.00 24.74
CA ASP A 51 -5.23 15.26 26.01
C ASP A 51 -6.34 14.20 26.10
N TYR A 52 -7.55 14.55 25.67
CA TYR A 52 -8.67 13.63 25.71
C TYR A 52 -8.49 12.47 24.73
N TYR A 53 -7.96 12.76 23.53
CA TYR A 53 -7.57 11.70 22.61
C TYR A 53 -6.57 10.73 23.29
N PHE A 54 -5.50 11.24 23.89
CA PHE A 54 -4.51 10.37 24.56
C PHE A 54 -5.09 9.54 25.71
N ALA A 55 -5.99 10.14 26.49
CA ALA A 55 -6.61 9.43 27.60
C ALA A 55 -7.46 8.28 27.04
N LEU A 56 -8.15 8.51 25.92
CA LEU A 56 -8.93 7.44 25.30
C LEU A 56 -8.01 6.35 24.71
N ALA A 57 -6.97 6.75 24.00
CA ALA A 57 -6.01 5.80 23.43
C ALA A 57 -5.37 4.89 24.49
N HIS A 58 -4.99 5.47 25.62
CA HIS A 58 -4.44 4.67 26.73
C HIS A 58 -5.49 3.71 27.32
N THR A 59 -6.73 4.19 27.41
CA THR A 59 -7.82 3.39 27.93
C THR A 59 -8.06 2.15 27.06
N VAL A 60 -8.09 2.35 25.75
CA VAL A 60 -8.32 1.27 24.80
C VAL A 60 -7.10 0.32 24.74
N ARG A 61 -5.90 0.89 24.77
CA ARG A 61 -4.68 0.12 24.73
C ARG A 61 -4.59 -0.87 25.89
N ASP A 62 -5.04 -0.48 27.07
CA ASP A 62 -5.09 -1.36 28.23
C ASP A 62 -5.81 -2.70 27.93
N HIS A 63 -6.85 -2.67 27.10
CA HIS A 63 -7.60 -3.87 26.70
C HIS A 63 -6.84 -4.83 25.78
N LEU A 64 -5.82 -4.33 25.11
CA LEU A 64 -4.96 -5.13 24.25
C LEU A 64 -3.96 -5.96 25.04
N VAL A 65 -3.58 -5.49 26.23
CA VAL A 65 -2.38 -6.00 26.88
C VAL A 65 -2.44 -7.47 27.26
N GLY A 66 -3.52 -7.85 27.93
CA GLY A 66 -3.69 -9.21 28.41
C GLY A 66 -3.72 -10.20 27.26
N ARG A 67 -4.43 -9.80 26.21
CA ARG A 67 -4.53 -10.60 24.97
C ARG A 67 -3.19 -10.74 24.24
N TRP A 68 -2.42 -9.65 24.21
CA TRP A 68 -1.09 -9.65 23.59
C TRP A 68 -0.14 -10.59 24.32
N ILE A 69 -0.11 -10.48 25.64
CA ILE A 69 0.72 -11.36 26.46
C ILE A 69 0.30 -12.81 26.28
N ARG A 70 -1.01 -13.07 26.33
CA ARG A 70 -1.53 -14.46 26.24
C ARG A 70 -1.31 -15.06 24.85
N THR A 71 -1.48 -14.25 23.80
CA THR A 71 -1.21 -14.73 22.46
C THR A 71 0.27 -15.17 22.31
N GLN A 72 1.19 -14.33 22.74
CA GLN A 72 2.62 -14.64 22.59
C GLN A 72 3.04 -15.83 23.45
N GLN A 73 2.43 -15.98 24.63
CA GLN A 73 2.60 -17.18 25.49
C GLN A 73 2.13 -18.45 24.78
N HIS A 74 0.94 -18.37 24.19
CA HIS A 74 0.35 -19.46 23.42
C HIS A 74 1.25 -19.93 22.27
N TYR A 75 1.85 -19.02 21.52
CA TYR A 75 2.80 -19.40 20.47
C TYR A 75 4.07 -20.06 21.04
N TYR A 76 4.55 -19.59 22.17
CA TYR A 76 5.69 -20.24 22.84
C TYR A 76 5.36 -21.70 23.22
N GLU A 77 4.16 -21.95 23.73
CA GLU A 77 3.76 -23.29 24.19
C GLU A 77 3.40 -24.24 23.06
N LYS A 78 2.58 -23.79 22.11
CA LYS A 78 2.20 -24.62 20.97
C LYS A 78 3.30 -24.76 19.90
N ASP A 79 4.26 -23.84 19.88
CA ASP A 79 5.35 -23.82 18.88
C ASP A 79 4.89 -24.07 17.41
N PRO A 80 3.94 -23.24 16.90
CA PRO A 80 3.50 -23.40 15.52
C PRO A 80 4.57 -22.89 14.56
N LYS A 81 4.45 -23.21 13.28
CA LYS A 81 5.29 -22.57 12.27
C LYS A 81 5.06 -21.05 12.30
N ARG A 82 6.15 -20.27 12.34
CA ARG A 82 6.08 -18.81 12.42
C ARG A 82 6.22 -18.22 11.02
N ILE A 83 5.41 -17.22 10.72
CA ILE A 83 5.44 -16.52 9.44
C ILE A 83 6.06 -15.13 9.68
N TYR A 84 7.13 -14.82 8.96
CA TYR A 84 7.81 -13.51 9.07
C TYR A 84 7.65 -12.75 7.77
N TYR A 85 6.92 -11.64 7.86
CA TYR A 85 6.60 -10.81 6.70
C TYR A 85 7.53 -9.61 6.69
N LEU A 86 8.53 -9.63 5.84
CA LEU A 86 9.58 -8.61 5.80
C LEU A 86 9.21 -7.54 4.75
N SER A 87 9.17 -6.28 5.18
CA SER A 87 8.82 -5.16 4.31
C SER A 87 9.53 -3.91 4.74
N LEU A 88 9.92 -3.09 3.76
CA LEU A 88 10.48 -1.77 4.08
C LEU A 88 9.37 -0.74 4.35
N GLU A 89 8.11 -1.14 4.13
CA GLU A 89 6.98 -0.22 4.28
C GLU A 89 5.80 -0.91 4.92
N PHE A 90 5.20 -0.22 5.90
CA PHE A 90 3.93 -0.63 6.50
C PHE A 90 3.09 0.63 6.63
N TYR A 91 2.08 0.77 5.78
CA TYR A 91 1.28 1.99 5.74
C TYR A 91 0.03 1.77 6.63
N MET A 92 0.20 2.02 7.93
CA MET A 92 -0.79 1.61 8.93
C MET A 92 -1.97 2.56 9.08
N GLY A 93 -1.75 3.85 8.88
CA GLY A 93 -2.78 4.85 9.17
C GLY A 93 -3.00 4.98 10.66
N ARG A 94 -4.20 5.40 11.04
CA ARG A 94 -4.59 5.52 12.46
CA ARG A 94 -4.62 5.53 12.45
C ARG A 94 -4.95 4.17 13.05
N THR A 95 -4.73 4.05 14.36
CA THR A 95 -4.93 2.81 15.13
C THR A 95 -6.14 2.78 16.07
N LEU A 96 -6.61 3.92 16.56
CA LEU A 96 -7.60 3.94 17.65
C LEU A 96 -8.90 3.25 17.25
N GLN A 97 -9.49 3.71 16.15
CA GLN A 97 -10.75 3.15 15.69
C GLN A 97 -10.61 1.69 15.31
N ASN A 98 -9.51 1.33 14.63
CA ASN A 98 -9.31 -0.06 14.23
C ASN A 98 -9.25 -0.99 15.43
N THR A 99 -8.59 -0.53 16.48
CA THR A 99 -8.48 -1.29 17.72
C THR A 99 -9.87 -1.50 18.38
N MET A 100 -10.68 -0.45 18.42
CA MET A 100 -12.02 -0.53 18.99
C MET A 100 -12.88 -1.49 18.18
N VAL A 101 -12.79 -1.43 16.85
CA VAL A 101 -13.58 -2.32 15.98
C VAL A 101 -13.21 -3.79 16.24
N ASN A 102 -11.91 -4.08 16.27
CA ASN A 102 -11.44 -5.45 16.42
C ASN A 102 -11.66 -6.02 17.82
N LEU A 103 -11.83 -5.16 18.83
CA LEU A 103 -12.14 -5.63 20.18
C LEU A 103 -13.62 -5.47 20.58
N ALA A 104 -14.46 -5.03 19.64
CA ALA A 104 -15.91 -4.83 19.86
C ALA A 104 -16.21 -3.79 20.95
N LEU A 105 -15.39 -2.73 20.98
CA LEU A 105 -15.48 -1.67 22.00
C LEU A 105 -16.03 -0.35 21.48
N GLU A 106 -16.32 -0.25 20.18
CA GLU A 106 -16.67 1.03 19.58
C GLU A 106 -17.92 1.69 20.23
N ASN A 107 -19.01 0.94 20.42
CA ASN A 107 -20.23 1.54 20.99
C ASN A 107 -20.03 1.90 22.48
N ALA A 108 -19.30 1.06 23.22
CA ALA A 108 -19.05 1.31 24.63
C ALA A 108 -18.21 2.58 24.81
N CYS A 109 -17.16 2.72 23.98
CA CYS A 109 -16.32 3.91 24.03
C CYS A 109 -17.09 5.15 23.61
N ASP A 110 -17.98 4.99 22.63
CA ASP A 110 -18.82 6.10 22.18
C ASP A 110 -19.70 6.61 23.32
N GLU A 111 -20.36 5.67 24.01
CA GLU A 111 -21.23 5.98 25.13
C GLU A 111 -20.43 6.58 26.30
N ALA A 112 -19.30 5.96 26.65
CA ALA A 112 -18.48 6.43 27.75
C ALA A 112 -18.03 7.88 27.51
N THR A 113 -17.50 8.16 26.33
CA THR A 113 -17.06 9.52 26.02
C THR A 113 -18.25 10.50 25.97
N TYR A 114 -19.36 10.08 25.37
CA TYR A 114 -20.59 10.91 25.35
C TYR A 114 -21.00 11.32 26.76
N GLN A 115 -21.00 10.39 27.72
CA GLN A 115 -21.33 10.71 29.12
C GLN A 115 -20.32 11.62 29.83
N LEU A 116 -19.09 11.66 29.34
CA LEU A 116 -18.09 12.62 29.81
C LEU A 116 -18.15 13.98 29.10
N GLY A 117 -19.07 14.15 28.15
CA GLY A 117 -19.29 15.42 27.45
C GLY A 117 -18.39 15.60 26.24
N LEU A 118 -17.94 14.48 25.65
CA LEU A 118 -16.95 14.49 24.57
C LEU A 118 -17.51 13.76 23.35
N ASP A 119 -17.09 14.20 22.17
CA ASP A 119 -17.46 13.61 20.90
C ASP A 119 -16.28 12.75 20.42
N MET A 120 -16.48 11.43 20.42
CA MET A 120 -15.41 10.51 20.08
C MET A 120 -14.87 10.67 18.66
N GLU A 121 -15.76 11.00 17.73
CA GLU A 121 -15.37 11.23 16.34
C GLU A 121 -14.36 12.38 16.22
N GLU A 122 -14.54 13.41 17.05
CA GLU A 122 -13.63 14.56 17.08
C GLU A 122 -12.27 14.17 17.65
N LEU A 123 -12.29 13.32 18.68
CA LEU A 123 -11.04 12.80 19.27
C LEU A 123 -10.28 11.93 18.28
N GLU A 124 -11.00 11.12 17.52
CA GLU A 124 -10.35 10.26 16.51
C GLU A 124 -9.54 11.04 15.46
N GLU A 125 -10.02 12.24 15.12
CA GLU A 125 -9.39 13.09 14.12
C GLU A 125 -8.07 13.67 14.57
N ILE A 126 -7.79 13.62 15.87
CA ILE A 126 -6.52 14.12 16.38
C ILE A 126 -5.33 13.21 16.11
N GLU A 127 -5.59 11.91 15.96
CA GLU A 127 -4.51 10.94 15.81
C GLU A 127 -3.78 11.15 14.48
N GLU A 128 -2.44 11.06 14.51
CA GLU A 128 -1.60 11.10 13.29
C GLU A 128 -1.70 9.76 12.56
N ASP A 129 -1.75 9.78 11.23
CA ASP A 129 -1.45 8.54 10.47
C ASP A 129 -0.05 8.09 10.76
N ALA A 130 0.13 6.79 10.96
CA ALA A 130 1.43 6.18 10.85
C ALA A 130 1.64 5.96 9.34
N GLY A 131 2.39 6.87 8.72
CA GLY A 131 2.57 6.89 7.28
C GLY A 131 3.88 6.28 6.82
N LEU A 132 4.16 5.04 7.23
CA LEU A 132 5.44 4.44 6.97
C LEU A 132 5.44 3.68 5.63
N GLY A 133 4.76 4.24 4.64
CA GLY A 133 4.81 3.68 3.28
C GLY A 133 4.43 4.74 2.25
N ASN A 134 4.57 4.38 0.98
CA ASN A 134 4.35 5.28 -0.14
C ASN A 134 2.93 5.18 -0.69
N GLY A 135 2.36 3.99 -0.66
CA GLY A 135 1.06 3.76 -1.32
C GLY A 135 0.68 2.32 -1.20
N GLY A 136 0.43 1.68 -2.35
CA GLY A 136 -0.19 0.37 -2.41
C GLY A 136 0.57 -0.78 -1.75
N LEU A 137 1.88 -0.81 -1.99
CA LEU A 137 2.73 -1.85 -1.44
C LEU A 137 2.73 -1.79 0.07
N GLY A 138 2.94 -0.61 0.63
CA GLY A 138 2.91 -0.45 2.08
C GLY A 138 1.54 -0.72 2.68
N ARG A 139 0.50 -0.29 1.99
CA ARG A 139 -0.85 -0.51 2.51
C ARG A 139 -1.23 -1.99 2.43
N LEU A 140 -0.71 -2.70 1.44
CA LEU A 140 -0.97 -4.12 1.31
C LEU A 140 -0.39 -4.87 2.50
N ALA A 141 0.81 -4.48 2.90
CA ALA A 141 1.43 -5.07 4.08
C ALA A 141 0.58 -4.87 5.34
N ALA A 142 -0.01 -3.68 5.50
CA ALA A 142 -0.89 -3.40 6.62
C ALA A 142 -2.19 -4.23 6.61
N CYS A 143 -2.83 -4.33 5.46
CA CYS A 143 -4.01 -5.18 5.31
C CYS A 143 -3.66 -6.63 5.63
N PHE A 144 -2.52 -7.09 5.12
CA PHE A 144 -2.06 -8.46 5.38
C PHE A 144 -1.87 -8.74 6.88
N LEU A 145 -1.30 -7.81 7.63
CA LEU A 145 -1.13 -8.03 9.08
C LEU A 145 -2.49 -8.24 9.77
N ASP A 146 -3.46 -7.41 9.39
CA ASP A 146 -4.81 -7.50 9.91
C ASP A 146 -5.42 -8.89 9.58
N SER A 147 -5.24 -9.34 8.35
CA SER A 147 -5.79 -10.64 7.95
C SER A 147 -5.08 -11.81 8.64
N MET A 148 -3.76 -11.73 8.78
CA MET A 148 -3.02 -12.81 9.45
C MET A 148 -3.44 -13.01 10.90
N ALA A 149 -3.66 -11.90 11.61
CA ALA A 149 -4.18 -11.94 12.97
C ALA A 149 -5.61 -12.47 13.05
N THR A 150 -6.45 -12.02 12.11
CA THR A 150 -7.83 -12.50 12.03
C THR A 150 -7.91 -14.00 11.69
N LEU A 151 -6.94 -14.51 10.96
CA LEU A 151 -6.87 -15.93 10.63
C LEU A 151 -6.04 -16.79 11.59
N GLY A 152 -5.64 -16.23 12.72
CA GLY A 152 -5.00 -16.99 13.79
C GLY A 152 -3.61 -17.48 13.46
N LEU A 153 -2.92 -16.81 12.54
CA LEU A 153 -1.57 -17.24 12.14
C LEU A 153 -0.53 -16.61 13.05
N ALA A 154 0.52 -17.37 13.34
CA ALA A 154 1.60 -16.91 14.22
C ALA A 154 2.54 -16.07 13.36
N ALA A 155 2.12 -14.83 13.11
CA ALA A 155 2.72 -13.97 12.11
C ALA A 155 3.33 -12.73 12.73
N TYR A 156 4.49 -12.35 12.21
CA TYR A 156 5.22 -11.16 12.67
C TYR A 156 5.53 -10.30 11.47
N GLY A 157 5.23 -9.01 11.56
CA GLY A 157 5.67 -8.05 10.56
C GLY A 157 6.96 -7.41 11.06
N TYR A 158 7.96 -7.33 10.20
CA TYR A 158 9.26 -6.72 10.52
C TYR A 158 9.58 -5.65 9.52
N GLY A 159 9.97 -4.48 10.03
CA GLY A 159 10.31 -3.34 9.22
C GLY A 159 11.19 -2.36 9.99
N ILE A 160 11.17 -1.12 9.54
CA ILE A 160 11.96 -0.02 10.09
C ILE A 160 11.01 1.02 10.66
N ARG A 161 11.34 1.50 11.84
CA ARG A 161 10.59 2.59 12.47
C ARG A 161 11.18 3.88 11.97
N TYR A 162 10.65 4.40 10.87
CA TYR A 162 11.17 5.67 10.36
C TYR A 162 10.74 6.80 11.27
N GLU A 163 11.66 7.70 11.60
CA GLU A 163 11.31 8.88 12.36
C GLU A 163 10.38 9.82 11.54
N PHE A 164 10.60 9.87 10.23
CA PHE A 164 9.79 10.67 9.32
C PHE A 164 9.22 9.74 8.25
N GLY A 165 7.90 9.70 8.18
CA GLY A 165 7.22 8.87 7.20
C GLY A 165 7.07 9.64 5.90
N ILE A 166 6.03 9.27 5.14
CA ILE A 166 5.79 9.91 3.84
C ILE A 166 5.51 11.40 4.12
N PHE A 167 6.15 12.29 3.39
CA PHE A 167 5.99 13.73 3.62
C PHE A 167 4.51 14.18 3.59
N ASN A 168 4.20 15.23 4.35
CA ASN A 168 2.93 15.94 4.23
C ASN A 168 3.01 16.85 3.00
N GLN A 169 1.99 16.77 2.17
CA GLN A 169 1.88 17.58 0.96
C GLN A 169 1.07 18.85 1.21
N LYS A 170 1.66 19.99 0.89
CA LYS A 170 0.95 21.26 0.83
C LYS A 170 0.93 21.71 -0.61
N ILE A 171 -0.14 22.38 -1.02
CA ILE A 171 -0.23 22.97 -2.35
C ILE A 171 -0.12 24.49 -2.20
N CYS A 172 0.91 25.07 -2.80
N CYS A 172 0.93 25.07 -2.78
CA CYS A 172 1.16 26.51 -2.77
CA CYS A 172 1.18 26.52 -2.76
C CYS A 172 1.24 27.02 -4.20
C CYS A 172 1.24 27.02 -4.20
N GLY A 173 0.32 27.91 -4.57
CA GLY A 173 0.25 28.43 -5.95
C GLY A 173 -0.01 27.34 -6.98
N GLY A 174 -0.72 26.28 -6.57
CA GLY A 174 -0.92 25.10 -7.40
C GLY A 174 0.21 24.08 -7.49
N TRP A 175 1.34 24.32 -6.80
CA TRP A 175 2.50 23.44 -6.82
C TRP A 175 2.60 22.65 -5.50
N GLN A 176 2.97 21.38 -5.62
CA GLN A 176 3.33 20.57 -4.47
C GLN A 176 4.56 21.13 -3.73
N MET A 177 4.42 21.29 -2.42
CA MET A 177 5.52 21.55 -1.50
C MET A 177 5.51 20.38 -0.51
N GLU A 178 6.69 19.98 -0.06
CA GLU A 178 6.83 18.89 0.90
C GLU A 178 7.19 19.41 2.28
N GLU A 179 6.58 18.82 3.30
CA GLU A 179 6.93 19.09 4.69
C GLU A 179 7.16 17.77 5.38
N ALA A 180 8.15 17.75 6.26
CA ALA A 180 8.46 16.57 7.07
C ALA A 180 7.26 16.11 7.89
N ASP A 181 7.07 14.80 7.92
CA ASP A 181 5.97 14.17 8.65
C ASP A 181 6.53 13.75 10.01
N ASP A 182 6.46 14.67 10.95
CA ASP A 182 6.99 14.50 12.30
C ASP A 182 5.94 13.80 13.16
N TRP A 183 5.61 12.58 12.77
CA TRP A 183 4.48 11.82 13.33
C TRP A 183 4.67 11.42 14.79
N LEU A 184 5.91 11.42 15.27
CA LEU A 184 6.20 11.03 16.67
C LEU A 184 6.28 12.19 17.64
N ARG A 185 6.02 13.42 17.16
CA ARG A 185 6.21 14.63 17.99
C ARG A 185 5.50 14.55 19.34
N TYR A 186 4.23 14.14 19.33
CA TYR A 186 3.40 14.06 20.55
C TYR A 186 3.47 12.68 21.24
N GLY A 187 4.27 11.77 20.70
CA GLY A 187 4.39 10.41 21.20
C GLY A 187 3.49 9.46 20.42
N ASN A 188 3.80 8.19 20.48
CA ASN A 188 3.02 7.15 19.82
C ASN A 188 2.61 6.18 20.92
N PRO A 189 1.32 6.20 21.31
CA PRO A 189 0.91 5.35 22.42
C PRO A 189 0.79 3.85 22.07
N TRP A 190 0.86 3.50 20.79
CA TRP A 190 0.66 2.15 20.30
C TRP A 190 1.94 1.35 20.15
N GLU A 191 3.12 1.95 20.40
CA GLU A 191 4.38 1.20 20.34
C GLU A 191 4.91 0.96 21.75
N LYS A 192 5.61 -0.15 21.91
CA LYS A 192 6.34 -0.45 23.14
C LYS A 192 7.80 -0.67 22.77
N ALA A 193 8.67 0.24 23.22
CA ALA A 193 10.12 0.09 23.05
C ALA A 193 10.58 -1.13 23.78
N ARG A 194 11.48 -1.91 23.18
CA ARG A 194 12.04 -3.06 23.84
C ARG A 194 13.57 -2.99 23.78
N PRO A 195 14.16 -1.97 24.43
CA PRO A 195 15.61 -1.75 24.34
C PRO A 195 16.46 -2.93 24.82
N GLU A 196 15.86 -3.79 25.65
CA GLU A 196 16.47 -5.03 26.10
C GLU A 196 16.72 -6.10 25.01
N PHE A 197 16.04 -6.01 23.86
CA PHE A 197 16.25 -6.94 22.75
C PHE A 197 17.04 -6.30 21.59
N THR A 198 17.81 -5.28 21.92
CA THR A 198 18.70 -4.61 20.97
C THR A 198 19.79 -5.55 20.43
N LEU A 199 20.05 -5.46 19.13
CA LEU A 199 20.96 -6.35 18.43
C LEU A 199 21.93 -5.56 17.55
N PRO A 200 23.15 -6.07 17.36
CA PRO A 200 24.14 -5.40 16.51
C PRO A 200 23.99 -5.74 15.03
N VAL A 201 24.22 -4.75 14.18
CA VAL A 201 24.22 -4.89 12.72
C VAL A 201 25.55 -4.33 12.25
N HIS A 202 26.18 -5.06 11.33
CA HIS A 202 27.55 -4.77 10.85
C HIS A 202 27.55 -4.20 9.44
N PHE A 203 28.47 -3.26 9.21
CA PHE A 203 28.67 -2.66 7.88
C PHE A 203 30.17 -2.49 7.58
N TYR A 204 30.48 -2.37 6.29
CA TYR A 204 31.82 -2.17 5.77
C TYR A 204 32.71 -3.37 6.12
N GLY A 205 33.94 -3.12 6.60
CA GLY A 205 34.85 -4.17 6.93
C GLY A 205 35.50 -4.84 5.73
N ARG A 206 36.03 -6.04 5.97
CA ARG A 206 36.65 -6.82 4.92
C ARG A 206 36.55 -8.30 5.28
N VAL A 207 36.83 -9.17 4.32
CA VAL A 207 36.74 -10.61 4.52
C VAL A 207 38.14 -11.20 4.63
N GLU A 208 38.37 -11.98 5.68
CA GLU A 208 39.58 -12.80 5.84
C GLU A 208 39.20 -14.24 5.62
N HIS A 209 40.01 -14.96 4.84
CA HIS A 209 39.85 -16.41 4.66
C HIS A 209 40.85 -17.15 5.52
N THR A 210 40.35 -17.95 6.47
CA THR A 210 41.20 -18.71 7.40
C THR A 210 41.10 -20.22 7.09
N SER A 211 41.74 -21.03 7.92
CA SER A 211 41.62 -22.50 7.89
C SER A 211 40.18 -22.99 8.08
N GLN A 212 39.46 -22.33 8.98
CA GLN A 212 38.05 -22.66 9.25
C GLN A 212 37.12 -21.54 8.75
N GLY A 213 37.10 -21.35 7.42
CA GLY A 213 36.14 -20.50 6.72
C GLY A 213 36.44 -19.00 6.66
N ALA A 214 35.47 -18.27 6.09
CA ALA A 214 35.55 -16.82 5.97
C ALA A 214 35.13 -16.14 7.28
N LYS A 215 35.73 -14.98 7.53
CA LYS A 215 35.41 -14.15 8.70
C LYS A 215 35.25 -12.73 8.20
N TRP A 216 34.17 -12.08 8.60
CA TRP A 216 33.91 -10.70 8.22
C TRP A 216 34.38 -9.86 9.40
N VAL A 217 35.43 -9.06 9.19
CA VAL A 217 36.13 -8.37 10.28
C VAL A 217 36.24 -6.87 10.00
N ASP A 218 36.63 -6.12 11.02
CA ASP A 218 36.87 -4.67 10.97
C ASP A 218 35.64 -3.89 10.56
N THR A 219 34.49 -4.36 11.01
CA THR A 219 33.21 -3.77 10.62
C THR A 219 32.85 -2.57 11.52
N GLN A 220 31.99 -1.68 11.03
CA GLN A 220 31.37 -0.64 11.87
C GLN A 220 30.06 -1.24 12.37
N VAL A 221 29.70 -0.97 13.62
CA VAL A 221 28.52 -1.54 14.24
C VAL A 221 27.47 -0.46 14.43
N VAL A 222 26.23 -0.77 14.08
CA VAL A 222 25.08 0.05 14.43
C VAL A 222 24.13 -0.86 15.22
N LEU A 223 23.51 -0.34 16.26
CA LEU A 223 22.54 -1.12 17.02
C LEU A 223 21.14 -0.97 16.44
N ALA A 224 20.40 -2.08 16.47
CA ALA A 224 19.01 -2.13 16.09
C ALA A 224 18.16 -2.33 17.36
N MET A 225 17.37 -1.32 17.70
CA MET A 225 16.48 -1.33 18.84
C MET A 225 15.04 -1.53 18.40
N PRO A 226 14.37 -2.60 18.88
CA PRO A 226 13.03 -2.87 18.39
C PRO A 226 11.95 -2.12 19.16
N TYR A 227 10.91 -1.73 18.43
CA TYR A 227 9.68 -1.19 18.99
C TYR A 227 8.58 -2.11 18.51
N ASP A 228 7.74 -2.56 19.44
CA ASP A 228 6.68 -3.51 19.11
C ASP A 228 5.30 -2.84 19.14
N THR A 229 4.51 -3.12 18.11
CA THR A 229 3.15 -2.60 17.97
C THR A 229 2.20 -3.79 17.88
N PRO A 230 1.11 -3.78 18.67
CA PRO A 230 0.15 -4.88 18.63
C PRO A 230 -0.74 -4.81 17.40
N VAL A 231 -1.08 -5.99 16.87
CA VAL A 231 -1.91 -6.14 15.70
C VAL A 231 -3.09 -7.05 16.08
N PRO A 232 -4.24 -6.45 16.44
CA PRO A 232 -5.36 -7.26 16.90
C PRO A 232 -6.13 -7.90 15.76
N GLY A 233 -6.46 -9.18 15.92
CA GLY A 233 -7.39 -9.82 15.01
C GLY A 233 -8.86 -9.42 15.27
N TYR A 234 -9.73 -9.74 14.33
CA TYR A 234 -11.14 -9.39 14.44
C TYR A 234 -11.90 -10.30 15.40
N ARG A 235 -12.07 -9.81 16.62
CA ARG A 235 -12.92 -10.43 17.61
C ARG A 235 -12.56 -11.89 17.96
N ASN A 236 -11.28 -12.22 17.83
CA ASN A 236 -10.80 -13.56 18.14
C ASN A 236 -9.82 -13.60 19.30
N ASN A 237 -9.60 -12.46 19.94
CA ASN A 237 -8.61 -12.30 21.01
C ASN A 237 -7.16 -12.63 20.66
N VAL A 238 -6.83 -12.65 19.37
CA VAL A 238 -5.46 -12.83 18.92
C VAL A 238 -4.85 -11.43 18.77
N VAL A 239 -3.63 -11.25 19.29
CA VAL A 239 -2.88 -10.00 19.09
C VAL A 239 -1.46 -10.38 18.68
N ASN A 240 -1.15 -10.13 17.41
CA ASN A 240 0.15 -10.40 16.84
C ASN A 240 1.02 -9.16 17.00
N THR A 241 2.27 -9.27 16.56
CA THR A 241 3.27 -8.20 16.74
C THR A 241 3.79 -7.68 15.42
N MET A 242 3.90 -6.36 15.31
CA MET A 242 4.69 -5.72 14.27
C MET A 242 5.93 -5.16 14.97
N ARG A 243 7.10 -5.64 14.56
CA ARG A 243 8.36 -5.24 15.22
C ARG A 243 9.15 -4.34 14.25
N LEU A 244 9.37 -3.09 14.64
CA LEU A 244 10.05 -2.13 13.81
C LEU A 244 11.37 -1.71 14.47
N TRP A 245 12.44 -1.70 13.68
CA TRP A 245 13.78 -1.47 14.20
C TRP A 245 14.15 0.00 14.05
N SER A 246 14.83 0.52 15.06
CA SER A 246 15.33 1.89 15.06
C SER A 246 16.84 1.84 15.26
N ALA A 247 17.57 2.72 14.60
CA ALA A 247 19.03 2.68 14.61
C ALA A 247 19.60 3.49 15.76
N LYS A 248 20.56 2.92 16.49
CA LYS A 248 21.22 3.59 17.60
C LYS A 248 22.73 3.38 17.47
N ALA A 249 23.51 4.40 17.80
CA ALA A 249 24.97 4.25 17.78
C ALA A 249 25.38 3.56 19.08
N PRO A 250 26.41 2.68 19.04
CA PRO A 250 26.98 2.23 20.34
C PRO A 250 27.65 3.37 21.12
N ASN A 251 27.82 3.21 22.43
CA ASN A 251 28.32 4.32 23.31
C ASN A 251 29.79 4.69 23.16
N ASP A 252 30.59 3.75 22.66
CA ASP A 252 31.99 4.04 22.29
C ASP A 252 32.15 4.52 20.83
N PHE A 253 31.03 4.78 20.14
CA PHE A 253 31.02 5.20 18.72
C PHE A 253 31.83 6.49 18.55
N ASN A 254 32.82 6.41 17.65
CA ASN A 254 33.80 7.47 17.42
C ASN A 254 34.68 7.82 18.64
N LEU A 255 34.70 6.96 19.68
CA LEU A 255 35.37 7.30 20.97
C LEU A 255 36.35 6.23 21.48
N GLY A 262 37.45 16.36 18.34
CA GLY A 262 37.53 15.79 19.68
C GLY A 262 36.21 15.24 20.24
N TYR A 263 36.06 15.31 21.57
CA TYR A 263 34.92 14.68 22.27
C TYR A 263 33.56 15.17 21.78
N ILE A 264 33.35 16.49 21.70
CA ILE A 264 32.03 17.03 21.33
C ILE A 264 31.63 16.52 19.93
N GLN A 265 32.55 16.64 18.99
CA GLN A 265 32.28 16.23 17.60
C GLN A 265 31.95 14.74 17.48
N ALA A 266 32.64 13.90 18.26
CA ALA A 266 32.38 12.46 18.26
C ALA A 266 30.97 12.11 18.71
N VAL A 267 30.49 12.82 19.74
CA VAL A 267 29.13 12.66 20.18
C VAL A 267 28.16 13.14 19.09
N LEU A 268 28.45 14.28 18.46
CA LEU A 268 27.51 14.80 17.44
C LEU A 268 27.46 13.88 16.21
N ASP A 269 28.59 13.22 15.91
CA ASP A 269 28.69 12.31 14.76
C ASP A 269 27.97 11.00 14.92
N ARG A 270 27.41 10.73 16.09
CA ARG A 270 26.48 9.60 16.24
C ARG A 270 25.31 9.63 15.24
N ASN A 271 24.94 10.83 14.78
CA ASN A 271 23.91 11.04 13.76
C ASN A 271 24.17 10.28 12.47
N LEU A 272 25.42 10.08 12.12
CA LEU A 272 25.76 9.31 10.93
C LEU A 272 25.20 7.90 11.00
N ALA A 273 25.28 7.25 12.17
CA ALA A 273 24.72 5.90 12.35
C ALA A 273 23.20 5.91 12.43
N GLU A 274 22.67 6.89 13.15
CA GLU A 274 21.25 6.94 13.44
C GLU A 274 20.41 7.44 12.26
N ASN A 275 21.06 8.05 11.25
CA ASN A 275 20.36 8.42 10.01
C ASN A 275 19.75 7.24 9.26
N ILE A 276 20.20 6.03 9.52
CA ILE A 276 19.64 4.84 8.83
C ILE A 276 18.11 4.77 8.96
N SER A 277 17.58 5.03 10.13
CA SER A 277 16.15 4.94 10.34
C SER A 277 15.44 6.30 10.35
N ARG A 278 16.05 7.34 9.78
CA ARG A 278 15.51 8.67 9.92
C ARG A 278 14.31 8.91 9.03
N VAL A 279 14.38 8.45 7.78
CA VAL A 279 13.39 8.86 6.80
C VAL A 279 13.08 7.78 5.75
N LEU A 280 11.79 7.69 5.46
CA LEU A 280 11.27 6.82 4.40
C LEU A 280 11.61 7.40 3.04
N TYR A 281 12.24 6.61 2.17
CA TYR A 281 12.40 7.03 0.77
C TYR A 281 11.01 7.18 0.12
N PRO A 282 10.73 8.35 -0.49
CA PRO A 282 9.38 8.72 -0.88
C PRO A 282 9.00 8.44 -2.35
N ASN A 283 9.62 7.45 -2.97
CA ASN A 283 9.38 7.11 -4.36
C ASN A 283 8.49 5.86 -4.45
N ASP A 284 7.37 6.00 -5.12
CA ASP A 284 6.48 4.88 -5.34
C ASP A 284 6.86 4.29 -6.70
N ASN A 285 7.12 2.98 -6.74
CA ASN A 285 7.32 2.25 -8.01
C ASN A 285 8.46 2.86 -8.81
N PHE A 286 9.56 3.21 -8.13
CA PHE A 286 10.73 3.80 -8.77
C PHE A 286 11.97 3.55 -7.91
N PHE A 287 13.01 3.00 -8.53
CA PHE A 287 14.24 2.64 -7.86
C PHE A 287 15.25 3.79 -7.94
N GLU A 288 15.77 4.16 -6.78
CA GLU A 288 16.88 5.13 -6.68
C GLU A 288 18.00 4.40 -5.92
N GLY A 289 19.12 4.17 -6.58
CA GLY A 289 20.21 3.36 -6.01
C GLY A 289 21.17 4.15 -5.13
N LYS A 290 20.71 4.57 -3.97
CA LYS A 290 21.52 5.38 -3.05
C LYS A 290 22.00 4.52 -1.89
N GLU A 291 23.21 4.83 -1.42
CA GLU A 291 23.83 4.07 -0.34
C GLU A 291 22.97 4.01 0.93
N LEU A 292 22.37 5.13 1.31
CA LEU A 292 21.52 5.15 2.51
C LEU A 292 20.36 4.12 2.43
N ARG A 293 19.74 4.01 1.26
CA ARG A 293 18.69 3.00 1.04
C ARG A 293 19.19 1.57 1.17
N LEU A 294 20.39 1.30 0.65
CA LEU A 294 20.97 -0.02 0.79
C LEU A 294 21.22 -0.32 2.26
N LYS A 295 21.73 0.66 3.00
CA LYS A 295 21.89 0.52 4.45
C LYS A 295 20.59 0.17 5.15
N GLN A 296 19.50 0.84 4.78
CA GLN A 296 18.19 0.54 5.33
C GLN A 296 17.77 -0.91 5.07
N GLU A 297 17.99 -1.38 3.83
CA GLU A 297 17.61 -2.73 3.46
C GLU A 297 18.40 -3.77 4.25
N TYR A 298 19.71 -3.58 4.38
CA TYR A 298 20.50 -4.52 5.15
C TYR A 298 20.16 -4.47 6.66
N PHE A 299 19.97 -3.26 7.17
CA PHE A 299 19.62 -3.06 8.59
C PHE A 299 18.41 -3.89 9.00
N VAL A 300 17.33 -3.77 8.24
CA VAL A 300 16.13 -4.50 8.58
C VAL A 300 16.31 -6.04 8.48
N VAL A 301 17.00 -6.48 7.44
CA VAL A 301 17.28 -7.89 7.23
C VAL A 301 18.19 -8.51 8.31
N ALA A 302 19.29 -7.85 8.63
CA ALA A 302 20.27 -8.37 9.59
C ALA A 302 19.71 -8.48 11.00
N ALA A 303 19.00 -7.44 11.45
CA ALA A 303 18.36 -7.47 12.78
C ALA A 303 17.25 -8.52 12.84
N THR A 304 16.43 -8.56 11.80
CA THR A 304 15.31 -9.49 11.72
C THR A 304 15.77 -10.94 11.76
N LEU A 305 16.76 -11.29 10.94
CA LEU A 305 17.24 -12.66 10.88
C LEU A 305 17.85 -13.15 12.19
N GLN A 306 18.53 -12.28 12.93
CA GLN A 306 19.04 -12.67 14.25
C GLN A 306 17.90 -12.97 15.22
N ASP A 307 16.84 -12.17 15.12
CA ASP A 307 15.67 -12.34 15.95
C ASP A 307 14.98 -13.66 15.63
N ILE A 308 14.87 -13.98 14.35
CA ILE A 308 14.27 -15.23 13.89
C ILE A 308 15.04 -16.44 14.40
N ILE A 309 16.36 -16.39 14.26
CA ILE A 309 17.21 -17.51 14.65
C ILE A 309 17.17 -17.70 16.17
N ARG A 310 17.19 -16.59 16.92
CA ARG A 310 17.12 -16.63 18.37
C ARG A 310 15.86 -17.37 18.82
N ARG A 311 14.72 -16.96 18.27
CA ARG A 311 13.41 -17.50 18.59
C ARG A 311 13.31 -18.97 18.21
N PHE A 312 13.90 -19.35 17.07
CA PHE A 312 14.02 -20.76 16.65
C PHE A 312 14.87 -21.64 17.59
N LYS A 313 15.99 -21.12 18.07
CA LYS A 313 16.86 -21.89 18.95
C LYS A 313 16.25 -22.10 20.34
N SER A 314 15.35 -21.20 20.75
CA SER A 314 14.64 -21.29 22.02
C SER A 314 13.32 -22.07 21.88
N SER A 315 13.38 -23.28 21.34
CA SER A 315 12.23 -24.18 21.22
C SER A 315 12.26 -25.21 22.34
N THR A 325 20.98 -26.61 17.03
CA THR A 325 21.86 -27.55 16.33
C THR A 325 21.30 -27.95 14.98
N ASN A 326 20.06 -28.44 14.97
CA ASN A 326 19.50 -29.08 13.77
C ASN A 326 18.67 -28.09 12.93
N PHE A 327 19.36 -27.48 11.97
CA PHE A 327 18.72 -26.56 11.03
C PHE A 327 17.90 -27.26 9.97
N ASP A 328 17.90 -28.59 9.91
CA ASP A 328 17.00 -29.31 8.99
C ASP A 328 15.52 -29.01 9.23
N ALA A 329 15.15 -28.73 10.48
CA ALA A 329 13.77 -28.39 10.83
C ALA A 329 13.44 -26.88 10.67
N PHE A 330 14.42 -26.06 10.31
CA PHE A 330 14.26 -24.63 10.19
C PHE A 330 13.08 -24.26 9.28
N PRO A 331 13.04 -24.83 8.06
CA PRO A 331 11.90 -24.50 7.17
C PRO A 331 10.54 -25.05 7.62
N ASP A 332 10.52 -26.02 8.50
CA ASP A 332 9.28 -26.48 9.13
C ASP A 332 8.76 -25.53 10.21
N LYS A 333 9.63 -24.68 10.75
CA LYS A 333 9.27 -23.75 11.82
C LYS A 333 9.29 -22.28 11.42
N VAL A 334 9.77 -21.97 10.22
CA VAL A 334 9.97 -20.60 9.80
C VAL A 334 9.60 -20.45 8.33
N ALA A 335 8.79 -19.44 8.03
CA ALA A 335 8.61 -18.94 6.65
C ALA A 335 8.99 -17.46 6.61
N ILE A 336 9.76 -17.07 5.60
CA ILE A 336 10.14 -15.69 5.39
C ILE A 336 9.56 -15.26 4.06
N GLN A 337 8.65 -14.29 4.09
CA GLN A 337 8.03 -13.75 2.89
C GLN A 337 8.66 -12.38 2.59
N LEU A 338 9.19 -12.25 1.38
CA LEU A 338 9.89 -11.04 0.94
C LEU A 338 8.90 -10.16 0.19
N ASN A 339 8.65 -8.96 0.72
CA ASN A 339 7.72 -8.01 0.08
C ASN A 339 8.46 -7.23 -0.99
N ASP A 340 8.44 -7.80 -2.21
CA ASP A 340 9.28 -7.36 -3.32
C ASP A 340 10.75 -7.65 -3.00
N THR A 341 11.68 -7.05 -3.72
CA THR A 341 13.10 -7.37 -3.55
C THR A 341 13.73 -6.51 -2.48
N HIS A 342 12.96 -5.63 -1.87
CA HIS A 342 13.57 -4.64 -0.95
C HIS A 342 14.30 -5.36 0.23
N PRO A 343 13.76 -6.49 0.74
CA PRO A 343 14.50 -7.27 1.75
C PRO A 343 15.22 -8.49 1.19
N SER A 344 15.60 -8.44 -0.10
CA SER A 344 16.22 -9.59 -0.79
C SER A 344 17.55 -10.02 -0.17
N LEU A 345 18.24 -9.11 0.53
CA LEU A 345 19.48 -9.46 1.18
C LEU A 345 19.29 -10.52 2.27
N ALA A 346 18.06 -10.81 2.67
CA ALA A 346 17.76 -11.95 3.56
C ALA A 346 18.32 -13.29 3.04
N ILE A 347 18.33 -13.45 1.72
CA ILE A 347 18.83 -14.69 1.11
C ILE A 347 20.35 -14.86 1.37
N PRO A 348 21.19 -13.90 0.94
CA PRO A 348 22.61 -14.08 1.25
C PRO A 348 22.96 -13.93 2.75
N GLU A 349 22.16 -13.18 3.49
CA GLU A 349 22.38 -13.08 4.94
C GLU A 349 22.11 -14.41 5.63
N LEU A 350 21.02 -15.07 5.26
CA LEU A 350 20.73 -16.39 5.81
C LEU A 350 21.87 -17.35 5.47
N MET A 351 22.34 -17.32 4.23
CA MET A 351 23.49 -18.13 3.87
C MET A 351 24.75 -17.81 4.67
N ARG A 352 25.01 -16.52 4.89
CA ARG A 352 26.16 -16.07 5.68
C ARG A 352 26.11 -16.64 7.09
N VAL A 353 24.95 -16.50 7.74
CA VAL A 353 24.80 -16.99 9.09
C VAL A 353 24.99 -18.50 9.14
N LEU A 354 24.31 -19.24 8.25
CA LEU A 354 24.38 -20.70 8.28
C LEU A 354 25.76 -21.26 7.96
N VAL A 355 26.44 -20.66 6.98
CA VAL A 355 27.76 -21.15 6.53
C VAL A 355 28.89 -20.62 7.41
N ASP A 356 28.97 -19.30 7.59
CA ASP A 356 30.09 -18.68 8.31
C ASP A 356 30.00 -18.84 9.82
N LEU A 357 28.80 -18.76 10.40
CA LEU A 357 28.63 -18.74 11.85
C LEU A 357 28.20 -20.10 12.41
N GLU A 358 27.26 -20.78 11.76
CA GLU A 358 26.78 -22.11 12.21
C GLU A 358 27.55 -23.27 11.58
N ARG A 359 28.33 -23.01 10.54
CA ARG A 359 29.28 -24.01 10.00
C ARG A 359 28.58 -25.16 9.25
N LEU A 360 27.42 -24.89 8.67
CA LEU A 360 26.78 -25.83 7.76
C LEU A 360 27.53 -25.81 6.45
N ASP A 361 27.53 -26.94 5.75
CA ASP A 361 28.07 -26.97 4.39
C ASP A 361 27.13 -26.17 3.50
N TRP A 362 27.70 -25.68 2.41
CA TRP A 362 26.98 -24.82 1.48
C TRP A 362 25.66 -25.42 1.02
N ASP A 363 25.72 -26.66 0.52
CA ASP A 363 24.53 -27.32 -0.08
C ASP A 363 23.35 -27.45 0.90
N LYS A 364 23.64 -27.85 2.14
CA LYS A 364 22.63 -27.92 3.18
C LYS A 364 22.06 -26.55 3.51
N ALA A 365 22.93 -25.56 3.70
CA ALA A 365 22.49 -24.18 3.92
C ALA A 365 21.56 -23.67 2.82
N TRP A 366 21.90 -23.94 1.57
CA TRP A 366 21.10 -23.51 0.42
C TRP A 366 19.72 -24.16 0.38
N GLU A 367 19.68 -25.45 0.66
CA GLU A 367 18.40 -26.16 0.78
C GLU A 367 17.49 -25.53 1.84
N VAL A 368 18.05 -25.20 3.00
CA VAL A 368 17.30 -24.55 4.06
C VAL A 368 16.80 -23.17 3.63
N THR A 369 17.68 -22.39 3.04
CA THR A 369 17.36 -21.05 2.58
C THR A 369 16.20 -21.05 1.58
N VAL A 370 16.31 -21.91 0.57
CA VAL A 370 15.32 -21.94 -0.48
C VAL A 370 13.95 -22.35 0.08
N LYS A 371 13.93 -23.35 0.94
CA LYS A 371 12.69 -23.82 1.56
C LYS A 371 12.05 -22.84 2.53
N THR A 372 12.85 -21.92 3.04
CA THR A 372 12.39 -20.92 3.98
C THR A 372 11.83 -19.65 3.29
N CYS A 373 12.48 -19.23 2.20
CA CYS A 373 12.19 -17.95 1.57
C CYS A 373 11.20 -18.06 0.41
N ALA A 374 10.35 -17.04 0.31
CA ALA A 374 9.43 -16.88 -0.81
C ALA A 374 9.37 -15.40 -1.16
N TYR A 375 9.19 -15.13 -2.45
CA TYR A 375 9.30 -13.80 -3.01
C TYR A 375 8.00 -13.40 -3.70
N THR A 376 7.48 -12.23 -3.34
CA THR A 376 6.37 -11.60 -4.04
C THR A 376 6.89 -10.46 -4.88
N ASN A 377 6.64 -10.53 -6.19
CA ASN A 377 6.91 -9.45 -7.12
C ASN A 377 5.69 -8.57 -7.25
N HIS A 378 5.90 -7.25 -7.20
CA HIS A 378 4.82 -6.28 -7.31
C HIS A 378 4.91 -5.33 -8.50
N THR A 379 5.83 -5.52 -9.44
CA THR A 379 5.89 -4.58 -10.56
C THR A 379 6.61 -5.17 -11.74
N VAL A 380 6.24 -4.72 -12.94
CA VAL A 380 7.04 -4.97 -14.16
C VAL A 380 7.66 -3.73 -14.76
N LEU A 381 7.42 -2.55 -14.22
CA LEU A 381 8.05 -1.37 -14.78
C LEU A 381 9.56 -1.46 -14.56
N PRO A 382 10.34 -1.34 -15.65
CA PRO A 382 11.80 -1.56 -15.50
C PRO A 382 12.50 -0.56 -14.57
N GLU A 383 12.01 0.66 -14.50
CA GLU A 383 12.56 1.67 -13.59
C GLU A 383 12.31 1.39 -12.08
N ALA A 384 11.45 0.43 -11.77
CA ALA A 384 11.13 0.08 -10.40
C ALA A 384 11.95 -1.13 -9.91
N LEU A 385 12.61 -1.83 -10.81
CA LEU A 385 13.40 -3.00 -10.44
C LEU A 385 14.73 -2.63 -9.80
N GLU A 386 15.10 -3.32 -8.72
CA GLU A 386 16.32 -3.00 -8.01
C GLU A 386 17.48 -3.67 -8.68
N ARG A 387 18.44 -2.86 -9.10
CA ARG A 387 19.68 -3.34 -9.67
C ARG A 387 20.79 -2.56 -9.01
N TRP A 388 21.44 -3.15 -8.02
CA TRP A 388 22.45 -2.45 -7.23
C TRP A 388 23.83 -2.53 -7.88
N PRO A 389 24.50 -1.38 -8.03
CA PRO A 389 25.90 -1.40 -8.48
C PRO A 389 26.79 -2.27 -7.59
N VAL A 390 27.62 -3.09 -8.24
CA VAL A 390 28.55 -3.96 -7.56
C VAL A 390 29.50 -3.20 -6.62
N HIS A 391 29.96 -2.01 -7.02
CA HIS A 391 30.91 -1.23 -6.20
C HIS A 391 30.33 -0.82 -4.84
N LEU A 392 29.01 -0.57 -4.77
CA LEU A 392 28.35 -0.28 -3.49
C LEU A 392 28.34 -1.49 -2.56
N LEU A 393 27.96 -2.65 -3.11
CA LEU A 393 27.97 -3.90 -2.34
C LEU A 393 29.36 -4.30 -1.92
N GLU A 394 30.33 -4.08 -2.81
CA GLU A 394 31.72 -4.39 -2.52
C GLU A 394 32.23 -3.65 -1.28
N THR A 395 31.89 -2.36 -1.17
CA THR A 395 32.34 -1.52 -0.06
C THR A 395 31.53 -1.80 1.20
N LEU A 396 30.20 -1.84 1.07
CA LEU A 396 29.31 -1.92 2.22
C LEU A 396 29.18 -3.33 2.80
N LEU A 397 29.09 -4.34 1.94
CA LEU A 397 28.74 -5.70 2.32
C LEU A 397 29.61 -6.69 1.56
N PRO A 398 30.94 -6.64 1.80
CA PRO A 398 31.86 -7.45 1.01
C PRO A 398 31.61 -8.97 1.08
N ARG A 399 31.21 -9.49 2.25
CA ARG A 399 30.93 -10.93 2.36
C ARG A 399 29.67 -11.32 1.57
N HIS A 400 28.64 -10.49 1.62
CA HIS A 400 27.41 -10.72 0.88
C HIS A 400 27.65 -10.76 -0.62
N LEU A 401 28.53 -9.88 -1.13
CA LEU A 401 28.85 -9.91 -2.56
C LEU A 401 29.51 -11.23 -2.95
N GLN A 402 30.44 -11.73 -2.13
CA GLN A 402 31.07 -13.04 -2.37
C GLN A 402 30.04 -14.17 -2.44
N ILE A 403 29.11 -14.15 -1.50
CA ILE A 403 28.04 -15.15 -1.45
C ILE A 403 27.14 -15.04 -2.68
N ILE A 404 26.82 -13.83 -3.09
CA ILE A 404 26.00 -13.62 -4.29
C ILE A 404 26.70 -14.18 -5.55
N TYR A 405 28.00 -13.92 -5.68
CA TYR A 405 28.76 -14.48 -6.81
C TYR A 405 28.75 -16.03 -6.84
N GLU A 406 28.89 -16.64 -5.67
CA GLU A 406 28.84 -18.09 -5.52
C GLU A 406 27.44 -18.64 -5.85
N ILE A 407 26.39 -17.96 -5.38
CA ILE A 407 25.03 -18.35 -5.75
C ILE A 407 24.89 -18.30 -7.27
N ASN A 408 25.41 -17.24 -7.88
CA ASN A 408 25.28 -17.02 -9.31
C ASN A 408 25.98 -18.13 -10.08
N GLN A 409 27.21 -18.47 -9.71
CA GLN A 409 27.96 -19.50 -10.41
C GLN A 409 27.26 -20.87 -10.32
N ARG A 410 26.75 -21.22 -9.14
CA ARG A 410 26.04 -22.47 -8.98
C ARG A 410 24.72 -22.50 -9.73
N PHE A 411 24.01 -21.39 -9.69
CA PHE A 411 22.76 -21.26 -10.45
C PHE A 411 22.96 -21.40 -11.96
N LEU A 412 23.94 -20.67 -12.49
CA LEU A 412 24.24 -20.73 -13.93
C LEU A 412 24.74 -22.09 -14.37
N ASN A 413 25.45 -22.83 -13.50
CA ASN A 413 25.80 -24.23 -13.78
C ASN A 413 24.57 -25.12 -14.01
N ARG A 414 23.52 -24.90 -13.24
CA ARG A 414 22.25 -25.60 -13.45
C ARG A 414 21.60 -25.22 -14.78
N VAL A 415 21.63 -23.93 -15.10
CA VAL A 415 21.05 -23.45 -16.36
C VAL A 415 21.77 -24.10 -17.55
N ALA A 416 23.10 -24.12 -17.50
CA ALA A 416 23.90 -24.68 -18.58
C ALA A 416 23.62 -26.16 -18.79
N ALA A 417 23.37 -26.88 -17.70
CA ALA A 417 23.07 -28.30 -17.77
C ALA A 417 21.68 -28.55 -18.34
N ALA A 418 20.72 -27.67 -18.05
CA ALA A 418 19.37 -27.84 -18.56
C ALA A 418 19.24 -27.37 -20.02
N PHE A 419 20.01 -26.34 -20.40
CA PHE A 419 19.89 -25.73 -21.74
C PHE A 419 21.29 -25.65 -22.36
N PRO A 420 21.86 -26.80 -22.69
CA PRO A 420 23.28 -26.77 -23.08
C PRO A 420 23.49 -26.00 -24.38
N GLY A 421 24.50 -25.14 -24.39
CA GLY A 421 24.85 -24.34 -25.54
C GLY A 421 24.12 -23.04 -25.68
N ASP A 422 23.14 -22.78 -24.81
CA ASP A 422 22.30 -21.59 -24.92
C ASP A 422 22.98 -20.46 -24.16
N VAL A 423 23.98 -19.89 -24.83
CA VAL A 423 24.85 -18.89 -24.19
C VAL A 423 24.11 -17.60 -23.93
N ASP A 424 23.16 -17.23 -24.79
CA ASP A 424 22.40 -16.04 -24.52
C ASP A 424 21.53 -16.17 -23.28
N ARG A 425 20.94 -17.34 -23.05
CA ARG A 425 20.15 -17.57 -21.83
C ARG A 425 21.00 -17.37 -20.57
N LEU A 426 22.26 -17.85 -20.58
CA LEU A 426 23.18 -17.63 -19.46
C LEU A 426 23.37 -16.13 -19.15
N ARG A 427 23.60 -15.34 -20.18
CA ARG A 427 23.65 -13.88 -20.04
C ARG A 427 22.35 -13.30 -19.48
N ARG A 428 21.19 -13.70 -20.01
CA ARG A 428 19.93 -13.14 -19.55
C ARG A 428 19.57 -13.51 -18.12
N MET A 429 19.94 -14.71 -17.70
CA MET A 429 19.52 -15.20 -16.39
C MET A 429 20.49 -14.85 -15.27
N SER A 430 21.67 -14.34 -15.61
CA SER A 430 22.71 -14.12 -14.61
C SER A 430 22.19 -13.15 -13.54
N LEU A 431 22.62 -13.38 -12.31
CA LEU A 431 22.36 -12.41 -11.24
C LEU A 431 23.20 -11.16 -11.44
N VAL A 432 24.32 -11.28 -12.16
CA VAL A 432 25.24 -10.17 -12.41
C VAL A 432 24.99 -9.62 -13.81
N GLU A 433 24.60 -8.35 -13.90
CA GLU A 433 24.46 -7.68 -15.19
C GLU A 433 25.74 -6.98 -15.62
N GLU A 434 26.20 -7.30 -16.81
CA GLU A 434 27.36 -6.62 -17.43
C GLU A 434 26.99 -5.23 -17.95
N GLY A 435 28.01 -4.40 -18.12
CA GLY A 435 27.83 -3.00 -18.54
C GLY A 435 29.04 -2.18 -18.15
N ALA A 436 28.98 -0.88 -18.45
CA ALA A 436 29.98 0.06 -17.92
C ALA A 436 30.04 -0.03 -16.39
N VAL A 437 28.86 -0.13 -15.78
CA VAL A 437 28.70 -0.41 -14.35
C VAL A 437 28.06 -1.79 -14.17
N LYS A 438 28.80 -2.74 -13.60
CA LYS A 438 28.22 -4.05 -13.23
C LYS A 438 27.19 -3.84 -12.11
N ARG A 439 26.06 -4.53 -12.20
CA ARG A 439 24.98 -4.45 -11.21
C ARG A 439 24.50 -5.86 -10.85
N ILE A 440 23.94 -5.99 -9.66
CA ILE A 440 23.25 -7.23 -9.23
C ILE A 440 21.77 -7.04 -9.43
N ASN A 441 21.14 -7.96 -10.15
CA ASN A 441 19.70 -7.93 -10.36
C ASN A 441 19.04 -8.68 -9.19
N MET A 442 18.41 -7.92 -8.30
CA MET A 442 17.90 -8.50 -7.04
C MET A 442 16.71 -9.44 -7.27
N ALA A 443 15.93 -9.19 -8.33
CA ALA A 443 14.81 -10.07 -8.67
C ALA A 443 15.32 -11.45 -9.06
N HIS A 444 16.41 -11.51 -9.83
CA HIS A 444 17.00 -12.78 -10.20
C HIS A 444 17.52 -13.50 -8.96
N LEU A 445 18.12 -12.76 -8.04
CA LEU A 445 18.55 -13.36 -6.77
C LEU A 445 17.36 -13.97 -6.01
N CYS A 446 16.26 -13.22 -5.92
CA CYS A 446 15.08 -13.71 -5.20
C CYS A 446 14.48 -14.98 -5.81
N ILE A 447 14.46 -15.05 -7.14
CA ILE A 447 13.91 -16.25 -7.80
C ILE A 447 14.77 -17.47 -7.52
N ALA A 448 16.09 -17.30 -7.65
CA ALA A 448 17.03 -18.38 -7.41
C ALA A 448 16.95 -18.91 -5.99
N GLY A 449 16.77 -18.00 -5.03
CA GLY A 449 16.80 -18.34 -3.61
C GLY A 449 15.49 -18.60 -2.90
N SER A 450 14.38 -18.69 -3.67
CA SER A 450 13.04 -18.85 -3.11
C SER A 450 12.36 -20.09 -3.66
N HIS A 451 11.54 -20.76 -2.84
CA HIS A 451 10.77 -21.93 -3.31
C HIS A 451 9.46 -21.53 -4.00
N ALA A 452 9.06 -20.26 -3.87
CA ALA A 452 7.82 -19.75 -4.49
C ALA A 452 8.02 -18.32 -4.88
N VAL A 453 7.55 -17.98 -6.07
CA VAL A 453 7.56 -16.65 -6.61
C VAL A 453 6.12 -16.37 -7.07
N ASN A 454 5.53 -15.29 -6.59
CA ASN A 454 4.19 -14.92 -7.00
C ASN A 454 4.04 -13.48 -7.49
N GLY A 455 3.14 -13.29 -8.44
CA GLY A 455 2.62 -11.96 -8.78
C GLY A 455 1.32 -11.74 -7.99
N VAL A 456 0.70 -10.59 -8.24
CA VAL A 456 -0.28 -10.02 -7.34
C VAL A 456 -1.64 -9.81 -7.96
N ALA A 457 -1.78 -10.25 -9.21
CA ALA A 457 -3.07 -10.41 -9.88
C ALA A 457 -2.85 -11.37 -11.03
N ARG A 458 -3.91 -12.02 -11.50
CA ARG A 458 -3.77 -13.07 -12.51
C ARG A 458 -3.05 -12.58 -13.77
N ILE A 459 -3.44 -11.42 -14.28
CA ILE A 459 -2.82 -10.90 -15.51
C ILE A 459 -1.32 -10.61 -15.29
N HIS A 460 -0.98 -10.09 -14.11
CA HIS A 460 0.39 -9.77 -13.76
C HIS A 460 1.23 -11.04 -13.62
N SER A 461 0.73 -12.04 -12.92
CA SER A 461 1.44 -13.32 -12.80
C SER A 461 1.66 -14.00 -14.17
N GLU A 462 0.70 -13.85 -15.08
CA GLU A 462 0.85 -14.35 -16.45
C GLU A 462 1.92 -13.59 -17.21
N ILE A 463 1.89 -12.27 -17.12
CA ILE A 463 2.95 -11.43 -17.70
C ILE A 463 4.36 -11.80 -17.21
N LEU A 464 4.50 -12.08 -15.91
CA LEU A 464 5.79 -12.53 -15.36
C LEU A 464 6.31 -13.79 -16.06
N LYS A 465 5.42 -14.75 -16.26
CA LYS A 465 5.78 -16.02 -16.91
C LYS A 465 6.07 -15.90 -18.41
N LYS A 466 5.44 -14.94 -19.08
CA LYS A 466 5.58 -14.75 -20.55
C LYS A 466 6.67 -13.77 -20.94
N THR A 467 6.99 -12.82 -20.08
CA THR A 467 7.94 -11.76 -20.41
C THR A 467 9.16 -11.76 -19.51
N ILE A 468 9.14 -10.99 -18.41
CA ILE A 468 10.42 -10.70 -17.75
C ILE A 468 11.06 -11.87 -17.05
N PHE A 469 10.25 -12.83 -16.57
CA PHE A 469 10.80 -14.05 -15.95
C PHE A 469 10.57 -15.34 -16.73
N LYS A 470 10.29 -15.21 -18.02
CA LYS A 470 10.12 -16.36 -18.90
C LYS A 470 11.21 -17.43 -18.80
N ASP A 471 12.46 -17.00 -18.80
CA ASP A 471 13.58 -17.93 -18.72
C ASP A 471 13.55 -18.74 -17.41
N PHE A 472 13.19 -18.08 -16.31
CA PHE A 472 13.16 -18.71 -14.99
C PHE A 472 12.00 -19.69 -14.88
N TYR A 473 10.87 -19.28 -15.43
CA TYR A 473 9.69 -20.15 -15.50
C TYR A 473 9.99 -21.45 -16.30
N GLU A 474 10.76 -21.34 -17.37
CA GLU A 474 11.12 -22.52 -18.18
C GLU A 474 12.00 -23.45 -17.42
N LEU A 475 12.89 -22.90 -16.59
CA LEU A 475 13.78 -23.74 -15.77
C LEU A 475 13.06 -24.38 -14.59
N GLU A 476 12.19 -23.61 -13.92
CA GLU A 476 11.55 -24.04 -12.64
C GLU A 476 10.07 -23.64 -12.61
N PRO A 477 9.25 -24.28 -13.45
CA PRO A 477 7.84 -23.88 -13.60
C PRO A 477 7.03 -23.95 -12.30
N HIS A 478 7.33 -24.97 -11.50
CA HIS A 478 6.74 -25.19 -10.17
C HIS A 478 6.82 -24.02 -9.20
N LYS A 479 7.82 -23.16 -9.31
CA LYS A 479 7.95 -22.03 -8.40
C LYS A 479 6.91 -20.92 -8.57
N PHE A 480 6.34 -20.79 -9.77
CA PHE A 480 5.57 -19.61 -10.13
C PHE A 480 4.10 -19.74 -9.78
N GLN A 481 3.60 -18.79 -9.01
CA GLN A 481 2.21 -18.78 -8.58
C GLN A 481 1.60 -17.42 -8.76
N ASN A 482 0.29 -17.36 -8.58
CA ASN A 482 -0.47 -16.13 -8.46
C ASN A 482 -1.12 -16.07 -7.07
N LYS A 483 -1.13 -14.87 -6.49
CA LYS A 483 -1.92 -14.57 -5.30
C LYS A 483 -2.51 -13.20 -5.52
N THR A 484 -3.74 -13.14 -6.01
CA THR A 484 -4.37 -11.87 -6.25
C THR A 484 -4.54 -11.10 -4.93
N ASN A 485 -4.18 -9.83 -4.98
CA ASN A 485 -4.28 -8.95 -3.82
C ASN A 485 -5.70 -8.81 -3.27
N GLY A 486 -5.77 -8.26 -2.07
CA GLY A 486 -7.02 -7.98 -1.39
C GLY A 486 -6.86 -6.83 -0.41
N ILE A 487 -7.95 -6.45 0.23
CA ILE A 487 -8.00 -5.39 1.23
C ILE A 487 -8.76 -5.89 2.44
N THR A 488 -8.46 -5.36 3.61
CA THR A 488 -9.19 -5.81 4.78
C THR A 488 -10.56 -5.15 4.87
N PRO A 489 -11.62 -5.96 5.02
CA PRO A 489 -12.93 -5.36 5.15
C PRO A 489 -13.21 -4.76 6.50
N ARG A 490 -12.30 -4.93 7.49
CA ARG A 490 -12.43 -4.20 8.74
C ARG A 490 -12.19 -2.71 8.49
N ARG A 491 -10.98 -2.30 8.13
CA ARG A 491 -10.73 -0.89 7.87
C ARG A 491 -11.58 -0.37 6.70
N TRP A 492 -11.69 -1.14 5.61
CA TRP A 492 -12.21 -0.59 4.37
C TRP A 492 -13.71 -0.77 4.16
N LEU A 493 -14.41 -1.30 5.16
CA LEU A 493 -15.88 -1.23 5.15
C LEU A 493 -16.42 -0.82 6.51
N VAL A 494 -16.15 -1.63 7.53
CA VAL A 494 -16.77 -1.43 8.85
C VAL A 494 -16.32 -0.12 9.48
N LEU A 495 -15.02 0.13 9.42
CA LEU A 495 -14.46 1.33 10.02
C LEU A 495 -14.86 2.60 9.24
N CYS A 496 -14.64 2.60 7.93
CA CYS A 496 -14.83 3.83 7.16
C CYS A 496 -16.28 4.06 6.69
N ASN A 497 -17.13 3.03 6.69
CA ASN A 497 -18.46 3.15 6.12
C ASN A 497 -19.45 2.35 6.99
N PRO A 498 -19.62 2.76 8.26
CA PRO A 498 -20.50 2.02 9.16
C PRO A 498 -21.95 1.97 8.71
N GLY A 499 -22.43 3.03 8.04
CA GLY A 499 -23.79 3.04 7.49
C GLY A 499 -24.04 1.92 6.49
N LEU A 500 -23.08 1.70 5.60
CA LEU A 500 -23.20 0.62 4.63
C LEU A 500 -23.08 -0.74 5.32
N ALA A 501 -22.13 -0.86 6.24
CA ALA A 501 -21.97 -2.12 7.00
C ALA A 501 -23.26 -2.51 7.71
N GLU A 502 -23.96 -1.50 8.25
CA GLU A 502 -25.14 -1.74 9.05
C GLU A 502 -26.31 -2.20 8.21
N ILE A 503 -26.55 -1.54 7.07
CA ILE A 503 -27.68 -1.94 6.22
C ILE A 503 -27.46 -3.34 5.62
N ILE A 504 -26.21 -3.70 5.38
CA ILE A 504 -25.90 -5.07 4.94
C ILE A 504 -26.18 -6.05 6.09
N ALA A 505 -25.66 -5.74 7.26
CA ALA A 505 -25.85 -6.56 8.46
C ALA A 505 -27.33 -6.80 8.81
N GLU A 506 -28.18 -5.79 8.56
CA GLU A 506 -29.62 -5.93 8.83
C GLU A 506 -30.27 -7.06 8.01
N ARG A 507 -29.77 -7.27 6.80
CA ARG A 507 -30.24 -8.31 5.91
C ARG A 507 -29.57 -9.66 6.12
N ILE A 508 -28.23 -9.69 6.19
CA ILE A 508 -27.52 -10.98 6.18
C ILE A 508 -26.71 -11.31 7.43
N GLY A 509 -26.81 -10.48 8.47
CA GLY A 509 -26.09 -10.72 9.71
C GLY A 509 -24.68 -10.17 9.62
N GLU A 510 -23.89 -10.47 10.65
CA GLU A 510 -22.55 -9.91 10.83
C GLU A 510 -21.39 -10.80 10.37
N GLU A 511 -21.67 -12.05 10.02
CA GLU A 511 -20.60 -13.00 9.68
C GLU A 511 -19.77 -12.60 8.46
N TYR A 512 -20.32 -11.81 7.55
CA TYR A 512 -19.60 -11.39 6.35
C TYR A 512 -18.32 -10.58 6.65
N ILE A 513 -18.23 -9.96 7.83
CA ILE A 513 -17.09 -9.12 8.18
C ILE A 513 -15.79 -9.94 8.23
N SER A 514 -15.87 -11.23 8.56
CA SER A 514 -14.69 -12.11 8.44
C SER A 514 -14.91 -13.27 7.45
N ASP A 515 -15.91 -13.15 6.59
CA ASP A 515 -16.14 -14.13 5.54
C ASP A 515 -16.86 -13.38 4.42
N LEU A 516 -16.09 -12.55 3.71
CA LEU A 516 -16.67 -11.55 2.80
C LEU A 516 -17.42 -12.12 1.62
N ASP A 517 -17.15 -13.39 1.28
CA ASP A 517 -17.96 -14.11 0.25
C ASP A 517 -19.45 -14.15 0.52
N GLN A 518 -19.82 -14.03 1.79
CA GLN A 518 -21.24 -13.95 2.14
C GLN A 518 -21.99 -12.73 1.55
N LEU A 519 -21.25 -11.70 1.10
CA LEU A 519 -21.87 -10.59 0.36
C LEU A 519 -22.63 -11.04 -0.89
N ARG A 520 -22.30 -12.21 -1.46
CA ARG A 520 -23.09 -12.79 -2.58
C ARG A 520 -24.58 -12.89 -2.26
N LYS A 521 -24.91 -13.10 -1.00
CA LYS A 521 -26.31 -13.18 -0.57
C LYS A 521 -27.09 -11.91 -0.92
N LEU A 522 -26.39 -10.78 -1.08
CA LEU A 522 -27.04 -9.51 -1.46
C LEU A 522 -27.64 -9.46 -2.86
N LEU A 523 -27.22 -10.37 -3.75
CA LEU A 523 -27.84 -10.48 -5.07
C LEU A 523 -29.35 -10.78 -4.99
N SER A 524 -29.82 -11.39 -3.91
CA SER A 524 -31.25 -11.64 -3.71
CA SER A 524 -31.24 -11.65 -3.69
C SER A 524 -32.03 -10.37 -3.34
N TYR A 525 -31.33 -9.25 -3.15
CA TYR A 525 -31.95 -7.96 -2.79
C TYR A 525 -31.87 -6.91 -3.91
N VAL A 526 -31.38 -7.31 -5.08
CA VAL A 526 -31.19 -6.39 -6.19
C VAL A 526 -32.51 -5.75 -6.69
N ASP A 527 -33.63 -6.44 -6.52
CA ASP A 527 -34.96 -5.91 -6.86
C ASP A 527 -35.77 -5.47 -5.64
N ASP A 528 -35.15 -5.42 -4.47
CA ASP A 528 -35.86 -5.10 -3.24
C ASP A 528 -35.86 -3.58 -3.11
N GLU A 529 -37.04 -2.97 -3.17
CA GLU A 529 -37.15 -1.51 -3.19
C GLU A 529 -36.57 -0.84 -1.94
N ALA A 530 -36.74 -1.47 -0.77
CA ALA A 530 -36.24 -0.91 0.48
C ALA A 530 -34.72 -0.93 0.50
N PHE A 531 -34.12 -2.04 0.06
CA PHE A 531 -32.66 -2.14 0.01
C PHE A 531 -32.04 -1.13 -0.97
N ILE A 532 -32.62 -1.03 -2.16
CA ILE A 532 -32.23 0.00 -3.15
C ILE A 532 -32.23 1.41 -2.52
N ARG A 533 -33.32 1.76 -1.88
CA ARG A 533 -33.43 3.05 -1.20
C ARG A 533 -32.33 3.25 -0.15
N ASP A 534 -32.08 2.22 0.67
CA ASP A 534 -31.10 2.32 1.76
C ASP A 534 -29.68 2.44 1.25
N VAL A 535 -29.34 1.69 0.21
CA VAL A 535 -28.02 1.83 -0.41
C VAL A 535 -27.76 3.26 -0.94
N ALA A 536 -28.73 3.79 -1.68
CA ALA A 536 -28.64 5.16 -2.19
C ALA A 536 -28.61 6.19 -1.07
N LYS A 537 -29.34 5.95 0.01
CA LYS A 537 -29.38 6.86 1.16
C LYS A 537 -28.01 6.97 1.87
N VAL A 538 -27.39 5.82 2.09
CA VAL A 538 -26.04 5.77 2.69
C VAL A 538 -25.01 6.53 1.83
N LYS A 539 -25.01 6.28 0.52
CA LYS A 539 -24.14 7.03 -0.38
C LYS A 539 -24.37 8.55 -0.27
N GLN A 540 -25.63 8.94 -0.27
CA GLN A 540 -25.97 10.34 -0.14
C GLN A 540 -25.48 10.96 1.16
N GLU A 541 -25.68 10.25 2.28
CA GLU A 541 -25.16 10.70 3.58
C GLU A 541 -23.64 10.84 3.56
N ASN A 542 -22.95 9.86 2.98
CA ASN A 542 -21.48 9.91 2.88
C ASN A 542 -21.02 11.11 2.05
N LYS A 543 -21.75 11.41 0.98
CA LYS A 543 -21.44 12.54 0.11
C LYS A 543 -21.63 13.87 0.83
N LEU A 544 -22.75 14.04 1.53
CA LEU A 544 -23.00 15.24 2.36
C LEU A 544 -21.92 15.45 3.43
N LYS A 545 -21.58 14.37 4.14
CA LYS A 545 -20.55 14.42 5.15
C LYS A 545 -19.20 14.80 4.55
N PHE A 546 -18.85 14.28 3.36
CA PHE A 546 -17.58 14.63 2.74
C PHE A 546 -17.58 16.08 2.21
N ALA A 547 -18.70 16.52 1.64
CA ALA A 547 -18.85 17.91 1.18
C ALA A 547 -18.70 18.93 2.32
N ALA A 548 -19.16 18.56 3.52
CA ALA A 548 -19.03 19.41 4.71
C ALA A 548 -17.58 19.43 5.21
N TYR A 549 -16.91 18.27 5.14
CA TYR A 549 -15.49 18.17 5.50
C TYR A 549 -14.66 19.11 4.65
N LEU A 550 -14.95 19.13 3.34
CA LEU A 550 -14.26 20.01 2.41
C LEU A 550 -14.42 21.48 2.76
N GLU A 551 -15.66 21.94 2.94
CA GLU A 551 -15.92 23.33 3.37
C GLU A 551 -15.18 23.73 4.65
N ARG A 552 -15.28 22.91 5.69
CA ARG A 552 -14.66 23.22 6.99
C ARG A 552 -13.13 23.30 6.90
N GLU A 553 -12.49 22.20 6.48
CA GLU A 553 -11.03 22.12 6.47
C GLU A 553 -10.34 22.83 5.30
N TYR A 554 -11.07 23.10 4.20
CA TYR A 554 -10.46 23.70 2.99
C TYR A 554 -11.21 24.85 2.29
N LYS A 555 -12.28 25.37 2.89
CA LYS A 555 -13.01 26.55 2.35
C LYS A 555 -13.52 26.38 0.89
N VAL A 556 -13.83 25.15 0.51
CA VAL A 556 -14.28 24.84 -0.87
C VAL A 556 -15.72 24.30 -0.84
N HIS A 557 -16.58 24.85 -1.71
CA HIS A 557 -17.99 24.45 -1.78
C HIS A 557 -18.28 23.59 -3.02
N ILE A 558 -18.88 22.41 -2.79
CA ILE A 558 -19.25 21.50 -3.87
C ILE A 558 -20.73 21.10 -3.80
N ASN A 559 -21.30 20.81 -4.98
CA ASN A 559 -22.67 20.37 -5.14
C ASN A 559 -22.77 18.86 -4.80
N PRO A 560 -23.40 18.52 -3.65
CA PRO A 560 -23.45 17.10 -3.30
C PRO A 560 -24.48 16.27 -4.11
N ASN A 561 -25.26 16.90 -4.98
CA ASN A 561 -26.10 16.18 -5.97
C ASN A 561 -25.36 15.74 -7.21
N SER A 562 -24.13 16.23 -7.40
CA SER A 562 -23.35 15.90 -8.58
C SER A 562 -22.74 14.50 -8.45
N LEU A 563 -22.35 13.96 -9.58
CA LEU A 563 -21.66 12.68 -9.63
C LEU A 563 -20.23 12.94 -9.11
N PHE A 564 -19.83 12.20 -8.08
CA PHE A 564 -18.47 12.31 -7.52
C PHE A 564 -17.53 11.35 -8.25
N ASP A 565 -16.68 11.92 -9.10
CA ASP A 565 -15.79 11.23 -10.02
C ASP A 565 -14.40 11.35 -9.39
N VAL A 566 -13.84 10.24 -8.92
CA VAL A 566 -12.69 10.26 -8.02
C VAL A 566 -11.51 9.45 -8.56
N GLN A 567 -10.34 10.08 -8.62
CA GLN A 567 -9.09 9.37 -8.93
C GLN A 567 -8.07 9.74 -7.84
N VAL A 568 -7.87 8.82 -6.91
CA VAL A 568 -6.92 9.01 -5.83
C VAL A 568 -5.93 7.85 -5.81
N LYS A 569 -4.65 8.20 -5.82
CA LYS A 569 -3.52 7.27 -5.98
C LYS A 569 -2.30 8.16 -6.19
N ARG A 570 -1.11 7.58 -6.08
CA ARG A 570 0.09 8.34 -6.31
C ARG A 570 0.10 8.88 -7.76
N ILE A 571 0.70 10.05 -7.92
CA ILE A 571 0.79 10.69 -9.23
C ILE A 571 1.91 10.02 -10.03
N HIS A 572 1.55 9.52 -11.22
CA HIS A 572 2.45 8.74 -12.06
C HIS A 572 2.04 8.87 -13.51
N GLU A 573 3.00 8.87 -14.43
CA GLU A 573 2.62 8.81 -15.85
C GLU A 573 1.80 7.53 -16.16
N TYR A 574 2.20 6.37 -15.61
CA TYR A 574 1.52 5.12 -16.00
C TYR A 574 0.08 5.02 -15.51
N LYS A 575 -0.23 5.71 -14.41
CA LYS A 575 -1.58 5.73 -13.86
C LYS A 575 -2.52 6.68 -14.61
N ARG A 576 -1.95 7.57 -15.40
CA ARG A 576 -2.68 8.37 -16.41
C ARG A 576 -3.75 9.33 -15.84
N GLN A 577 -3.40 10.00 -14.73
CA GLN A 577 -4.10 11.20 -14.33
C GLN A 577 -4.24 12.16 -15.55
N LEU A 578 -3.24 12.19 -16.45
CA LEU A 578 -3.33 13.03 -17.65
C LEU A 578 -4.50 12.68 -18.56
N LEU A 579 -4.83 11.41 -18.68
CA LEU A 579 -5.99 11.00 -19.47
C LEU A 579 -7.28 11.58 -18.85
N ASN A 580 -7.36 11.51 -17.52
CA ASN A 580 -8.50 12.12 -16.79
C ASN A 580 -8.56 13.63 -17.09
N CYS A 581 -7.42 14.31 -17.02
CA CYS A 581 -7.35 15.74 -17.35
C CYS A 581 -7.89 16.05 -18.73
N LEU A 582 -7.55 15.22 -19.71
CA LEU A 582 -8.04 15.44 -21.07
C LEU A 582 -9.56 15.31 -21.15
N HIS A 583 -10.13 14.36 -20.40
CA HIS A 583 -11.59 14.23 -20.35
C HIS A 583 -12.24 15.45 -19.69
N VAL A 584 -11.65 15.93 -18.58
CA VAL A 584 -12.21 17.10 -17.91
C VAL A 584 -12.25 18.32 -18.85
N ILE A 585 -11.16 18.57 -19.56
CA ILE A 585 -11.11 19.69 -20.52
C ILE A 585 -12.13 19.47 -21.66
N THR A 586 -12.28 18.23 -22.11
CA THR A 586 -13.26 17.91 -23.13
C THR A 586 -14.68 18.32 -22.68
N LEU A 587 -15.03 17.97 -21.45
CA LEU A 587 -16.32 18.35 -20.87
C LEU A 587 -16.49 19.86 -20.76
N TYR A 588 -15.46 20.54 -20.27
CA TYR A 588 -15.45 21.99 -20.23
C TYR A 588 -15.68 22.61 -21.61
N ASN A 589 -14.93 22.15 -22.61
CA ASN A 589 -15.09 22.68 -23.99
C ASN A 589 -16.45 22.40 -24.61
N ARG A 590 -17.04 21.25 -24.31
CA ARG A 590 -18.39 20.93 -24.76
C ARG A 590 -19.43 21.87 -24.14
N ILE A 591 -19.30 22.13 -22.83
CA ILE A 591 -20.17 23.08 -22.15
C ILE A 591 -20.08 24.48 -22.77
N LYS A 592 -18.85 24.95 -22.97
CA LYS A 592 -18.64 26.28 -23.56
C LYS A 592 -19.19 26.39 -25.00
N LYS A 593 -19.17 25.29 -25.73
CA LYS A 593 -19.71 25.23 -27.08
C LYS A 593 -21.25 25.29 -27.09
N GLU A 594 -21.90 24.52 -26.21
CA GLU A 594 -23.37 24.46 -26.09
C GLU A 594 -23.82 24.67 -24.63
N PRO A 595 -23.73 25.93 -24.15
CA PRO A 595 -23.90 26.17 -22.71
C PRO A 595 -25.31 25.90 -22.18
N ASN A 596 -26.31 25.95 -23.06
CA ASN A 596 -27.70 25.78 -22.63
C ASN A 596 -28.21 24.35 -22.76
N LYS A 597 -27.32 23.39 -23.08
CA LYS A 597 -27.66 21.97 -23.09
C LYS A 597 -27.46 21.37 -21.69
N PHE A 598 -28.36 20.47 -21.28
CA PHE A 598 -28.22 19.75 -20.02
C PHE A 598 -27.01 18.79 -20.09
N VAL A 599 -26.23 18.78 -19.02
CA VAL A 599 -25.19 17.76 -18.79
C VAL A 599 -25.32 17.30 -17.34
N VAL A 600 -25.06 16.02 -17.11
CA VAL A 600 -25.03 15.47 -15.76
C VAL A 600 -23.92 16.18 -14.98
N PRO A 601 -24.26 16.86 -13.86
CA PRO A 601 -23.23 17.58 -13.11
C PRO A 601 -22.21 16.63 -12.49
N ARG A 602 -20.93 17.04 -12.52
CA ARG A 602 -19.86 16.27 -11.91
C ARG A 602 -18.98 17.11 -11.03
N THR A 603 -18.49 16.47 -9.97
CA THR A 603 -17.36 16.97 -9.21
C THR A 603 -16.22 15.99 -9.44
N VAL A 604 -15.18 16.47 -10.10
CA VAL A 604 -14.04 15.67 -10.44
C VAL A 604 -12.99 15.94 -9.39
N MET A 605 -12.67 14.91 -8.62
CA MET A 605 -11.67 15.00 -7.59
C MET A 605 -10.47 14.13 -7.94
N ILE A 606 -9.29 14.73 -7.90
CA ILE A 606 -8.06 14.02 -8.15
C ILE A 606 -7.13 14.34 -6.99
N GLY A 607 -6.49 13.32 -6.46
CA GLY A 607 -5.55 13.52 -5.35
C GLY A 607 -4.44 12.52 -5.39
N GLY A 608 -3.31 12.90 -4.82
CA GLY A 608 -2.17 12.00 -4.71
C GLY A 608 -0.88 12.77 -4.58
N LYS A 609 0.12 12.12 -4.00
CA LYS A 609 1.46 12.71 -3.87
C LYS A 609 2.34 12.37 -5.05
N ALA A 610 3.17 13.33 -5.45
CA ALA A 610 4.25 13.11 -6.40
C ALA A 610 5.54 12.87 -5.61
N ALA A 611 6.38 11.96 -6.08
CA ALA A 611 7.72 11.84 -5.50
C ALA A 611 8.44 13.18 -5.66
N PRO A 612 9.18 13.64 -4.64
CA PRO A 612 9.81 14.97 -4.71
C PRO A 612 10.72 15.21 -5.90
N GLY A 613 11.42 14.18 -6.38
CA GLY A 613 12.29 14.37 -7.56
C GLY A 613 11.66 14.07 -8.93
N TYR A 614 10.36 13.82 -8.99
CA TYR A 614 9.72 13.38 -10.20
C TYR A 614 9.06 14.61 -10.86
N HIS A 615 9.84 15.27 -11.73
CA HIS A 615 9.43 16.53 -12.34
C HIS A 615 8.06 16.44 -13.07
N MET A 616 7.89 15.44 -13.92
CA MET A 616 6.65 15.33 -14.71
C MET A 616 5.41 15.17 -13.81
N ALA A 617 5.54 14.39 -12.73
CA ALA A 617 4.47 14.24 -11.75
C ALA A 617 4.11 15.57 -11.06
N LYS A 618 5.11 16.38 -10.77
CA LYS A 618 4.85 17.70 -10.22
C LYS A 618 4.15 18.62 -11.22
N MET A 619 4.52 18.50 -12.50
CA MET A 619 3.86 19.28 -13.56
C MET A 619 2.38 18.88 -13.73
N ILE A 620 2.08 17.60 -13.54
CA ILE A 620 0.71 17.07 -13.64
C ILE A 620 -0.19 17.66 -12.54
N ILE A 621 0.32 17.70 -11.31
CA ILE A 621 -0.38 18.34 -10.22
C ILE A 621 -0.67 19.80 -10.57
N LYS A 622 0.34 20.55 -11.04
CA LYS A 622 0.14 21.94 -11.45
C LYS A 622 -0.91 22.08 -12.56
N LEU A 623 -0.92 21.17 -13.54
CA LEU A 623 -1.94 21.19 -14.58
C LEU A 623 -3.34 21.00 -13.99
N ILE A 624 -3.49 20.05 -13.07
CA ILE A 624 -4.80 19.80 -12.46
C ILE A 624 -5.34 21.04 -11.74
N THR A 625 -4.49 21.68 -10.94
CA THR A 625 -4.92 22.89 -10.23
C THR A 625 -5.19 24.04 -11.21
N ALA A 626 -4.41 24.12 -12.29
CA ALA A 626 -4.60 25.16 -13.30
C ALA A 626 -5.94 24.99 -14.08
N ILE A 627 -6.32 23.75 -14.34
CA ILE A 627 -7.63 23.44 -14.93
C ILE A 627 -8.75 23.87 -13.98
N GLY A 628 -8.63 23.50 -12.71
CA GLY A 628 -9.51 23.98 -11.64
C GLY A 628 -9.68 25.49 -11.60
N ASP A 629 -8.58 26.23 -11.68
CA ASP A 629 -8.64 27.70 -11.68
C ASP A 629 -9.49 28.29 -12.80
N VAL A 630 -9.49 27.64 -13.97
CA VAL A 630 -10.31 28.09 -15.09
C VAL A 630 -11.76 27.61 -14.92
N VAL A 631 -11.94 26.31 -14.74
CA VAL A 631 -13.25 25.68 -14.76
C VAL A 631 -14.12 26.18 -13.60
N ASN A 632 -13.54 26.22 -12.41
CA ASN A 632 -14.29 26.53 -11.20
C ASN A 632 -14.75 27.97 -11.10
N HIS A 633 -14.20 28.86 -11.93
CA HIS A 633 -14.55 30.28 -11.88
C HIS A 633 -15.24 30.78 -13.15
N ASP A 634 -15.58 29.88 -14.08
CA ASP A 634 -16.27 30.25 -15.29
C ASP A 634 -17.78 30.30 -14.98
N PRO A 635 -18.39 31.50 -15.05
CA PRO A 635 -19.81 31.60 -14.67
C PRO A 635 -20.78 30.85 -15.60
N VAL A 636 -20.38 30.57 -16.83
CA VAL A 636 -21.20 29.80 -17.75
C VAL A 636 -21.29 28.33 -17.34
N VAL A 637 -20.24 27.80 -16.72
CA VAL A 637 -20.23 26.41 -16.25
C VAL A 637 -21.16 26.21 -15.05
N GLY A 638 -21.12 27.16 -14.12
CA GLY A 638 -22.00 27.12 -12.95
C GLY A 638 -21.50 26.03 -12.03
N ASP A 639 -22.44 25.30 -11.41
CA ASP A 639 -22.07 24.12 -10.63
C ASP A 639 -22.26 22.81 -11.42
N ARG A 640 -22.18 22.87 -12.75
CA ARG A 640 -22.24 21.67 -13.57
C ARG A 640 -20.92 20.90 -13.61
N LEU A 641 -19.81 21.58 -13.36
CA LEU A 641 -18.49 20.94 -13.40
C LEU A 641 -17.57 21.65 -12.42
N ARG A 642 -16.97 20.88 -11.51
CA ARG A 642 -15.99 21.37 -10.55
C ARG A 642 -14.82 20.41 -10.57
N VAL A 643 -13.61 20.96 -10.45
CA VAL A 643 -12.37 20.15 -10.48
C VAL A 643 -11.60 20.53 -9.20
N ILE A 644 -11.40 19.55 -8.31
CA ILE A 644 -10.81 19.76 -7.00
C ILE A 644 -9.58 18.86 -6.89
N PHE A 645 -8.45 19.44 -6.49
CA PHE A 645 -7.29 18.65 -6.16
C PHE A 645 -7.31 18.39 -4.65
N LEU A 646 -7.38 17.12 -4.28
CA LEU A 646 -7.48 16.73 -2.87
C LEU A 646 -6.06 16.67 -2.30
N GLU A 647 -5.78 17.58 -1.39
CA GLU A 647 -4.45 17.77 -0.85
C GLU A 647 -4.13 16.70 0.20
N ASN A 648 -2.87 16.26 0.23
CA ASN A 648 -2.37 15.35 1.25
C ASN A 648 -3.09 14.00 1.34
N TYR A 649 -3.29 13.37 0.17
CA TYR A 649 -3.90 12.07 0.12
C TYR A 649 -3.06 11.07 0.89
N ARG A 650 -3.76 10.36 1.79
CA ARG A 650 -3.14 9.46 2.75
C ARG A 650 -4.23 8.51 3.24
N VAL A 651 -3.89 7.58 4.11
CA VAL A 651 -4.89 6.55 4.51
C VAL A 651 -6.13 7.18 5.17
N SER A 652 -5.95 8.13 6.09
CA SER A 652 -7.08 8.75 6.77
C SER A 652 -8.00 9.52 5.80
N LEU A 653 -7.43 10.15 4.76
CA LEU A 653 -8.24 10.79 3.73
C LEU A 653 -8.95 9.77 2.82
N ALA A 654 -8.30 8.65 2.52
CA ALA A 654 -8.95 7.57 1.78
C ALA A 654 -10.21 7.06 2.50
N GLU A 655 -10.15 6.98 3.83
CA GLU A 655 -11.27 6.52 4.61
C GLU A 655 -12.47 7.46 4.54
N LYS A 656 -12.24 8.74 4.22
CA LYS A 656 -13.30 9.73 4.07
C LYS A 656 -13.82 9.81 2.62
N VAL A 657 -12.92 9.85 1.66
CA VAL A 657 -13.35 10.08 0.26
C VAL A 657 -13.92 8.83 -0.42
N ILE A 658 -13.36 7.66 -0.13
CA ILE A 658 -13.80 6.44 -0.82
C ILE A 658 -15.28 6.11 -0.56
N PRO A 659 -15.76 6.20 0.69
CA PRO A 659 -17.22 6.02 0.89
C PRO A 659 -18.11 7.03 0.21
N ALA A 660 -17.56 8.18 -0.17
CA ALA A 660 -18.32 9.22 -0.82
C ALA A 660 -18.33 9.15 -2.34
N ALA A 661 -17.54 8.25 -2.93
CA ALA A 661 -17.33 8.27 -4.38
C ALA A 661 -18.47 7.58 -5.13
N ASP A 662 -18.84 8.13 -6.28
CA ASP A 662 -19.75 7.46 -7.22
C ASP A 662 -18.99 6.68 -8.30
N LEU A 663 -17.91 7.25 -8.81
CA LEU A 663 -17.15 6.71 -9.91
C LEU A 663 -15.68 6.62 -9.53
N SER A 664 -15.13 5.42 -9.70
CA SER A 664 -13.77 5.10 -9.40
C SER A 664 -12.97 5.05 -10.70
N GLU A 665 -11.92 5.85 -10.79
CA GLU A 665 -11.11 5.95 -12.00
C GLU A 665 -9.89 5.05 -11.84
N GLN A 666 -9.82 4.01 -12.68
CA GLN A 666 -8.76 3.01 -12.61
C GLN A 666 -8.26 2.78 -14.04
N ILE A 667 -7.45 3.74 -14.51
CA ILE A 667 -7.28 3.98 -15.93
C ILE A 667 -5.82 3.88 -16.41
N SER A 668 -5.03 3.08 -15.72
CA SER A 668 -3.66 2.78 -16.14
C SER A 668 -3.62 2.09 -17.51
N THR A 669 -2.55 2.31 -18.24
CA THR A 669 -2.34 1.63 -19.53
C THR A 669 -2.26 0.13 -19.30
N ALA A 670 -2.98 -0.64 -20.10
CA ALA A 670 -3.01 -2.10 -19.91
C ALA A 670 -1.57 -2.65 -19.83
N GLY A 671 -1.31 -3.46 -18.82
CA GLY A 671 0.00 -4.07 -18.62
C GLY A 671 0.92 -3.38 -17.62
N THR A 672 0.48 -2.27 -17.02
CA THR A 672 1.38 -1.45 -16.19
C THR A 672 1.06 -1.49 -14.70
N GLU A 673 -0.22 -1.52 -14.31
CA GLU A 673 -0.58 -1.60 -12.89
C GLU A 673 -0.62 -3.07 -12.46
N ALA A 674 0.37 -3.53 -11.68
CA ALA A 674 0.46 -4.96 -11.32
C ALA A 674 -0.84 -5.51 -10.78
N SER A 675 -1.44 -4.79 -9.85
CA SER A 675 -2.74 -5.15 -9.33
C SER A 675 -3.66 -3.94 -9.16
N GLY A 676 -3.21 -2.99 -8.34
CA GLY A 676 -4.08 -2.00 -7.78
C GLY A 676 -4.78 -2.58 -6.56
N THR A 677 -5.02 -1.74 -5.56
CA THR A 677 -5.88 -2.07 -4.41
C THR A 677 -6.90 -0.98 -4.09
N GLY A 678 -6.62 0.27 -4.47
CA GLY A 678 -7.64 1.30 -4.41
C GLY A 678 -8.91 0.89 -5.13
N ASN A 679 -8.73 0.27 -6.30
CA ASN A 679 -9.85 -0.26 -7.08
C ASN A 679 -10.84 -1.09 -6.22
N MET A 680 -10.27 -1.98 -5.43
CA MET A 680 -11.06 -2.89 -4.57
C MET A 680 -11.78 -2.13 -3.45
N LYS A 681 -11.12 -1.10 -2.90
CA LYS A 681 -11.71 -0.28 -1.85
C LYS A 681 -12.96 0.41 -2.35
N PHE A 682 -12.90 0.92 -3.58
CA PHE A 682 -14.04 1.62 -4.16
C PHE A 682 -15.20 0.64 -4.45
N MET A 683 -14.88 -0.55 -4.96
CA MET A 683 -15.92 -1.55 -5.24
C MET A 683 -16.73 -1.94 -4.00
N LEU A 684 -16.03 -2.14 -2.89
CA LEU A 684 -16.63 -2.49 -1.61
C LEU A 684 -17.55 -1.39 -1.05
N ASN A 685 -17.28 -0.14 -1.43
CA ASN A 685 -17.95 1.01 -0.85
C ASN A 685 -19.01 1.66 -1.74
N GLY A 686 -19.39 0.98 -2.83
CA GLY A 686 -20.59 1.41 -3.58
C GLY A 686 -20.32 2.43 -4.69
N ALA A 687 -19.09 2.45 -5.20
CA ALA A 687 -18.76 3.15 -6.43
C ALA A 687 -18.74 2.16 -7.61
N LEU A 688 -19.11 2.67 -8.78
CA LEU A 688 -18.89 1.94 -10.04
C LEU A 688 -17.51 2.30 -10.57
N THR A 689 -16.95 1.44 -11.41
CA THR A 689 -15.60 1.57 -11.87
C THR A 689 -15.56 1.84 -13.37
N ILE A 690 -14.76 2.85 -13.74
CA ILE A 690 -14.37 3.04 -15.14
C ILE A 690 -12.90 2.68 -15.22
N GLY A 691 -12.59 1.70 -16.04
CA GLY A 691 -11.25 1.17 -16.06
C GLY A 691 -10.84 0.40 -17.30
N THR A 692 -9.52 0.29 -17.44
CA THR A 692 -8.92 -0.57 -18.43
C THR A 692 -8.82 -1.99 -17.89
N MET A 693 -8.57 -2.92 -18.80
CA MET A 693 -8.36 -4.33 -18.42
C MET A 693 -6.90 -4.51 -17.97
N ASP A 694 -6.63 -4.02 -16.76
CA ASP A 694 -5.30 -4.00 -16.18
C ASP A 694 -5.34 -4.45 -14.74
N GLY A 695 -4.27 -5.12 -14.31
CA GLY A 695 -4.16 -5.60 -12.93
C GLY A 695 -5.39 -6.35 -12.48
N ALA A 696 -5.83 -6.06 -11.26
CA ALA A 696 -6.96 -6.74 -10.69
C ALA A 696 -8.30 -6.26 -11.27
N ASN A 697 -8.32 -5.15 -12.04
CA ASN A 697 -9.57 -4.72 -12.68
C ASN A 697 -10.18 -5.87 -13.50
N VAL A 698 -9.32 -6.68 -14.13
CA VAL A 698 -9.76 -7.84 -14.93
C VAL A 698 -10.62 -8.82 -14.12
N GLU A 699 -10.12 -9.15 -12.93
CA GLU A 699 -10.80 -10.06 -12.02
C GLU A 699 -12.01 -9.42 -11.40
N MET A 700 -11.95 -8.13 -11.10
CA MET A 700 -13.16 -7.44 -10.61
C MET A 700 -14.33 -7.52 -11.61
N ALA A 701 -14.02 -7.23 -12.88
CA ALA A 701 -14.99 -7.32 -13.97
C ALA A 701 -15.55 -8.73 -14.16
N GLU A 702 -14.68 -9.73 -14.03
CA GLU A 702 -15.09 -11.12 -14.11
C GLU A 702 -16.02 -11.49 -12.97
N GLU A 703 -15.74 -11.02 -11.76
CA GLU A 703 -16.60 -11.32 -10.62
C GLU A 703 -17.95 -10.62 -10.75
N ALA A 704 -17.94 -9.34 -11.13
CA ALA A 704 -19.20 -8.57 -11.17
C ALA A 704 -20.04 -8.82 -12.44
N GLY A 705 -19.38 -9.26 -13.51
CA GLY A 705 -19.94 -9.29 -14.85
C GLY A 705 -19.51 -8.03 -15.59
N GLU A 706 -19.01 -8.19 -16.81
CA GLU A 706 -18.58 -7.05 -17.64
C GLU A 706 -19.66 -6.01 -17.90
N GLU A 707 -20.91 -6.45 -17.93
CA GLU A 707 -22.06 -5.56 -18.06
C GLU A 707 -22.25 -4.60 -16.86
N ASN A 708 -21.62 -4.90 -15.73
CA ASN A 708 -21.72 -4.08 -14.51
C ASN A 708 -20.44 -3.29 -14.21
N PHE A 709 -19.63 -3.10 -15.25
CA PHE A 709 -18.33 -2.46 -15.18
C PHE A 709 -18.19 -1.60 -16.43
N PHE A 710 -17.53 -0.45 -16.30
CA PHE A 710 -17.31 0.43 -17.45
C PHE A 710 -15.92 0.20 -17.98
N ILE A 711 -15.79 -0.79 -18.84
CA ILE A 711 -14.51 -1.20 -19.40
C ILE A 711 -14.27 -0.42 -20.68
N PHE A 712 -13.06 0.07 -20.87
CA PHE A 712 -12.67 0.70 -22.12
C PHE A 712 -11.18 0.46 -22.39
N GLY A 713 -10.84 0.78 -23.63
CA GLY A 713 -9.45 0.94 -24.01
C GLY A 713 -8.73 -0.30 -24.51
N MET A 714 -7.47 -0.09 -24.85
CA MET A 714 -6.60 -1.17 -25.31
C MET A 714 -6.46 -2.23 -24.23
N ARG A 715 -6.50 -3.49 -24.66
CA ARG A 715 -6.06 -4.60 -23.83
C ARG A 715 -4.55 -4.72 -24.01
N VAL A 716 -3.93 -5.57 -23.21
CA VAL A 716 -2.47 -5.79 -23.26
C VAL A 716 -1.99 -6.13 -24.67
N GLU A 717 -2.73 -7.00 -25.35
CA GLU A 717 -2.43 -7.43 -26.73
C GLU A 717 -2.46 -6.26 -27.73
N ASP A 718 -3.37 -5.30 -27.52
CA ASP A 718 -3.49 -4.14 -28.38
C ASP A 718 -2.29 -3.21 -28.18
N VAL A 719 -1.83 -3.09 -26.94
CA VAL A 719 -0.65 -2.30 -26.64
C VAL A 719 0.58 -2.89 -27.35
N ASP A 720 0.75 -4.20 -27.25
CA ASP A 720 1.84 -4.92 -27.95
C ASP A 720 1.79 -4.72 -29.46
N ARG A 721 0.61 -4.76 -30.05
CA ARG A 721 0.46 -4.54 -31.50
C ARG A 721 0.85 -3.12 -31.90
N LEU A 722 0.47 -2.12 -31.09
CA LEU A 722 0.91 -0.73 -31.32
C LEU A 722 2.42 -0.55 -31.18
N ASP A 723 3.02 -1.21 -30.19
CA ASP A 723 4.47 -1.15 -29.95
C ASP A 723 5.25 -1.72 -31.15
N GLN A 724 4.73 -2.78 -31.74
CA GLN A 724 5.38 -3.43 -32.88
C GLN A 724 5.40 -2.55 -34.13
N ARG A 725 4.30 -1.86 -34.45
CA ARG A 725 4.34 -0.93 -35.58
C ARG A 725 4.86 0.48 -35.25
N GLY A 726 4.88 0.85 -33.96
CA GLY A 726 5.39 2.14 -33.51
C GLY A 726 4.27 3.11 -33.17
N TYR A 727 4.27 3.63 -31.95
CA TYR A 727 3.24 4.57 -31.52
C TYR A 727 3.53 5.94 -32.08
N ASN A 728 2.59 6.49 -32.84
CA ASN A 728 2.72 7.82 -33.37
C ASN A 728 1.55 8.64 -32.85
N ALA A 729 1.81 9.46 -31.84
CA ALA A 729 0.77 10.29 -31.23
C ALA A 729 0.18 11.30 -32.21
N GLN A 730 0.97 11.76 -33.18
CA GLN A 730 0.54 12.75 -34.16
C GLN A 730 -0.71 12.27 -34.95
N GLU A 731 -0.78 10.97 -35.21
CA GLU A 731 -1.91 10.40 -35.91
C GLU A 731 -3.25 10.71 -35.21
N TYR A 732 -3.27 10.58 -33.88
CA TYR A 732 -4.46 10.84 -33.06
C TYR A 732 -4.81 12.32 -33.06
N TYR A 733 -3.79 13.15 -32.93
CA TYR A 733 -3.91 14.60 -33.01
C TYR A 733 -4.53 15.02 -34.35
N ASP A 734 -4.04 14.45 -35.45
CA ASP A 734 -4.55 14.78 -36.77
C ASP A 734 -6.01 14.32 -37.00
N ARG A 735 -6.44 13.25 -36.35
CA ARG A 735 -7.74 12.63 -36.64
C ARG A 735 -8.84 13.02 -35.69
N ILE A 736 -8.52 13.58 -34.52
CA ILE A 736 -9.54 13.85 -33.50
C ILE A 736 -9.56 15.35 -33.22
N PRO A 737 -10.53 16.09 -33.80
CA PRO A 737 -10.58 17.54 -33.61
C PRO A 737 -10.66 18.00 -32.15
N GLU A 738 -11.43 17.30 -31.32
CA GLU A 738 -11.56 17.64 -29.90
C GLU A 738 -10.24 17.52 -29.16
N LEU A 739 -9.43 16.54 -29.53
CA LEU A 739 -8.11 16.34 -28.95
C LEU A 739 -7.14 17.43 -29.39
N ARG A 740 -7.19 17.77 -30.66
CA ARG A 740 -6.37 18.84 -31.22
C ARG A 740 -6.65 20.20 -30.53
N GLN A 741 -7.92 20.52 -30.32
CA GLN A 741 -8.29 21.74 -29.59
C GLN A 741 -7.64 21.80 -28.19
N ILE A 742 -7.63 20.67 -27.49
CA ILE A 742 -7.09 20.65 -26.11
C ILE A 742 -5.59 20.93 -26.11
N ILE A 743 -4.88 20.31 -27.06
CA ILE A 743 -3.44 20.46 -27.18
C ILE A 743 -3.09 21.89 -27.57
N GLU A 744 -3.89 22.49 -28.45
CA GLU A 744 -3.69 23.89 -28.80
C GLU A 744 -3.95 24.82 -27.60
N GLN A 745 -4.95 24.49 -26.78
CA GLN A 745 -5.20 25.26 -25.54
C GLN A 745 -4.03 25.16 -24.54
N LEU A 746 -3.53 23.94 -24.30
CA LEU A 746 -2.34 23.74 -23.45
C LEU A 746 -1.11 24.52 -23.94
N SER A 747 -0.85 24.44 -25.24
CA SER A 747 0.36 25.03 -25.85
C SER A 747 0.34 26.53 -25.87
N SER A 748 -0.84 27.12 -26.08
CA SER A 748 -0.97 28.55 -26.31
C SER A 748 -1.16 29.34 -25.03
N GLY A 749 -1.29 28.68 -23.89
CA GLY A 749 -1.36 29.36 -22.60
C GLY A 749 -2.76 29.64 -22.08
N PHE A 750 -3.76 28.92 -22.59
CA PHE A 750 -5.13 29.08 -22.13
C PHE A 750 -5.31 28.76 -20.62
N PHE A 751 -4.58 27.76 -20.11
CA PHE A 751 -4.61 27.40 -18.68
C PHE A 751 -3.45 28.00 -17.87
N SER A 752 -2.66 28.88 -18.49
CA SER A 752 -1.53 29.56 -17.82
C SER A 752 -1.25 30.93 -18.49
N PRO A 753 -2.20 31.88 -18.43
CA PRO A 753 -2.07 33.13 -19.20
C PRO A 753 -0.83 33.97 -18.85
N LYS A 754 -0.40 33.93 -17.59
CA LYS A 754 0.79 34.67 -17.15
C LYS A 754 2.08 34.01 -17.62
N GLN A 755 2.07 32.68 -17.79
CA GLN A 755 3.24 31.92 -18.24
C GLN A 755 2.79 30.99 -19.37
N PRO A 756 2.64 31.51 -20.59
CA PRO A 756 2.07 30.76 -21.72
C PRO A 756 2.75 29.42 -22.07
N ASP A 757 4.05 29.32 -21.81
CA ASP A 757 4.82 28.10 -22.10
C ASP A 757 4.91 27.12 -20.92
N LEU A 758 4.14 27.34 -19.86
CA LEU A 758 4.29 26.57 -18.63
C LEU A 758 4.15 25.06 -18.84
N PHE A 759 3.24 24.64 -19.73
CA PHE A 759 2.95 23.23 -19.93
C PHE A 759 3.62 22.60 -21.15
N LYS A 760 4.64 23.26 -21.71
CA LYS A 760 5.26 22.75 -22.94
C LYS A 760 5.95 21.38 -22.74
N ASP A 761 6.48 21.09 -21.54
CA ASP A 761 7.05 19.76 -21.29
C ASP A 761 5.96 18.69 -21.36
N ILE A 762 4.75 18.99 -20.89
CA ILE A 762 3.63 18.03 -20.93
C ILE A 762 3.20 17.78 -22.38
N VAL A 763 3.03 18.85 -23.14
CA VAL A 763 2.67 18.74 -24.56
C VAL A 763 3.73 17.96 -25.33
N ASN A 764 5.01 18.27 -25.09
CA ASN A 764 6.11 17.62 -25.80
CA ASN A 764 6.07 17.63 -25.84
C ASN A 764 6.13 16.13 -25.50
N MET A 765 5.95 15.78 -24.24
CA MET A 765 5.89 14.39 -23.85
C MET A 765 4.72 13.66 -24.53
N LEU A 766 3.52 14.23 -24.47
CA LEU A 766 2.34 13.56 -25.09
C LEU A 766 2.51 13.35 -26.61
N MET A 767 3.06 14.36 -27.29
CA MET A 767 3.24 14.31 -28.73
C MET A 767 4.41 13.44 -29.19
N HIS A 768 5.49 13.34 -28.43
CA HIS A 768 6.73 12.70 -28.93
C HIS A 768 7.32 11.56 -28.13
N HIS A 769 7.08 11.46 -26.82
CA HIS A 769 7.69 10.35 -26.06
C HIS A 769 6.83 9.87 -24.91
N ASP A 770 5.58 9.56 -25.25
CA ASP A 770 4.64 9.04 -24.31
C ASP A 770 4.73 7.51 -24.29
N ARG A 771 5.35 6.97 -23.26
CA ARG A 771 5.43 5.53 -23.06
C ARG A 771 4.07 4.90 -22.74
N PHE A 772 3.11 5.72 -22.30
CA PHE A 772 1.84 5.18 -21.79
C PHE A 772 0.61 5.44 -22.67
N LYS A 773 0.85 5.96 -23.89
CA LYS A 773 -0.14 5.96 -24.97
C LYS A 773 -1.49 6.59 -24.55
N VAL A 774 -1.40 7.77 -23.96
CA VAL A 774 -2.57 8.52 -23.50
C VAL A 774 -3.54 8.80 -24.64
N PHE A 775 -3.04 9.26 -25.79
CA PHE A 775 -3.93 9.60 -26.89
C PHE A 775 -4.64 8.37 -27.45
N ALA A 776 -3.99 7.21 -27.40
CA ALA A 776 -4.53 5.97 -27.96
C ALA A 776 -5.82 5.49 -27.29
N ASP A 777 -6.02 5.85 -26.01
CA ASP A 777 -7.23 5.46 -25.29
C ASP A 777 -8.25 6.60 -25.12
N TYR A 778 -7.96 7.78 -25.67
CA TYR A 778 -8.79 8.97 -25.46
C TYR A 778 -10.20 8.83 -25.98
N GLU A 779 -10.35 8.46 -27.24
CA GLU A 779 -11.67 8.36 -27.84
C GLU A 779 -12.56 7.37 -27.11
N GLU A 780 -12.05 6.17 -26.83
CA GLU A 780 -12.84 5.14 -26.11
C GLU A 780 -13.17 5.57 -24.68
N TYR A 781 -12.25 6.27 -24.05
CA TYR A 781 -12.46 6.81 -22.70
C TYR A 781 -13.60 7.84 -22.65
N VAL A 782 -13.59 8.81 -23.56
CA VAL A 782 -14.64 9.82 -23.61
C VAL A 782 -15.99 9.19 -23.86
N LYS A 783 -16.06 8.24 -24.79
CA LYS A 783 -17.31 7.54 -25.11
C LYS A 783 -17.82 6.75 -23.94
N CYS A 784 -16.91 6.08 -23.24
CA CYS A 784 -17.30 5.31 -22.06
C CYS A 784 -17.82 6.23 -20.92
N GLN A 785 -17.16 7.37 -20.72
CA GLN A 785 -17.64 8.39 -19.78
C GLN A 785 -19.06 8.89 -20.10
N GLU A 786 -19.42 8.97 -21.38
CA GLU A 786 -20.80 9.32 -21.75
C GLU A 786 -21.78 8.25 -21.32
N ARG A 787 -21.39 6.97 -21.38
CA ARG A 787 -22.26 5.91 -20.88
C ARG A 787 -22.45 5.97 -19.36
N VAL A 788 -21.42 6.41 -18.64
CA VAL A 788 -21.51 6.59 -17.19
C VAL A 788 -22.55 7.65 -16.87
N SER A 789 -22.47 8.79 -17.56
CA SER A 789 -23.40 9.90 -17.35
C SER A 789 -24.83 9.50 -17.65
N ALA A 790 -25.01 8.70 -18.69
CA ALA A 790 -26.34 8.22 -19.07
C ALA A 790 -26.92 7.36 -17.96
N LEU A 791 -26.12 6.46 -17.40
CA LEU A 791 -26.62 5.61 -16.30
C LEU A 791 -26.91 6.41 -15.02
N TYR A 792 -26.10 7.43 -14.75
CA TYR A 792 -26.30 8.24 -13.54
C TYR A 792 -27.64 8.97 -13.53
N LYS A 793 -28.14 9.33 -14.72
CA LYS A 793 -29.48 9.92 -14.86
C LYS A 793 -30.63 9.04 -14.40
N ASN A 794 -30.40 7.74 -14.28
CA ASN A 794 -31.43 6.78 -13.84
C ASN A 794 -30.99 6.20 -12.48
N PRO A 795 -31.26 6.92 -11.38
CA PRO A 795 -30.69 6.53 -10.08
C PRO A 795 -31.03 5.11 -9.62
N ARG A 796 -32.22 4.61 -9.95
CA ARG A 796 -32.60 3.22 -9.60
C ARG A 796 -31.68 2.18 -10.25
N GLU A 797 -31.42 2.36 -11.54
CA GLU A 797 -30.55 1.42 -12.28
C GLU A 797 -29.08 1.59 -11.93
N TRP A 798 -28.65 2.82 -11.68
CA TRP A 798 -27.31 3.05 -11.14
C TRP A 798 -27.14 2.25 -9.84
N THR A 799 -28.09 2.39 -8.93
CA THR A 799 -28.01 1.72 -7.63
C THR A 799 -28.09 0.21 -7.73
N ARG A 800 -28.90 -0.31 -8.66
CA ARG A 800 -28.93 -1.75 -8.87
C ARG A 800 -27.56 -2.25 -9.33
N MET A 801 -26.90 -1.54 -10.24
CA MET A 801 -25.57 -1.93 -10.68
C MET A 801 -24.56 -1.91 -9.53
N VAL A 802 -24.66 -0.89 -8.68
CA VAL A 802 -23.85 -0.80 -7.47
C VAL A 802 -24.02 -2.05 -6.60
N ILE A 803 -25.27 -2.44 -6.35
CA ILE A 803 -25.53 -3.64 -5.54
C ILE A 803 -24.84 -4.86 -6.14
N ARG A 804 -24.86 -4.99 -7.46
CA ARG A 804 -24.20 -6.12 -8.12
C ARG A 804 -22.68 -6.10 -7.94
N ASN A 805 -22.11 -4.90 -7.81
CA ASN A 805 -20.67 -4.76 -7.53
C ASN A 805 -20.34 -5.10 -6.07
N ILE A 806 -21.06 -4.52 -5.12
CA ILE A 806 -20.81 -4.79 -3.71
C ILE A 806 -20.96 -6.27 -3.42
N ALA A 807 -22.03 -6.85 -3.96
CA ALA A 807 -22.35 -8.26 -3.78
C ALA A 807 -21.27 -9.26 -4.24
N THR A 808 -20.48 -8.87 -5.23
CA THR A 808 -19.46 -9.76 -5.83
C THR A 808 -18.04 -9.32 -5.46
N SER A 809 -17.91 -8.44 -4.47
CA SER A 809 -16.59 -7.94 -4.06
C SER A 809 -15.84 -8.90 -3.10
N GLY A 810 -16.49 -9.98 -2.68
CA GLY A 810 -15.95 -10.86 -1.65
C GLY A 810 -14.60 -11.48 -1.93
N LYS A 811 -14.33 -11.78 -3.21
CA LYS A 811 -13.04 -12.33 -3.60
C LYS A 811 -11.86 -11.40 -3.20
N PHE A 812 -12.14 -10.12 -3.04
CA PHE A 812 -11.09 -9.13 -2.81
C PHE A 812 -10.80 -8.80 -1.36
N SER A 813 -11.29 -9.64 -0.46
CA SER A 813 -10.86 -9.64 0.92
C SER A 813 -9.43 -10.17 1.03
N SER A 814 -8.60 -9.46 1.78
CA SER A 814 -7.26 -9.94 2.11
C SER A 814 -7.29 -11.20 2.95
N ASP A 815 -8.41 -11.54 3.58
CA ASP A 815 -8.55 -12.85 4.23
C ASP A 815 -8.43 -13.98 3.23
N ARG A 816 -9.04 -13.80 2.06
CA ARG A 816 -8.92 -14.78 0.98
C ARG A 816 -7.45 -14.89 0.52
N THR A 817 -6.84 -13.75 0.23
CA THR A 817 -5.46 -13.70 -0.19
C THR A 817 -4.53 -14.45 0.81
N ILE A 818 -4.65 -14.11 2.08
CA ILE A 818 -3.80 -14.70 3.11
C ILE A 818 -4.03 -16.20 3.31
N ALA A 819 -5.27 -16.66 3.20
CA ALA A 819 -5.55 -18.10 3.27
C ALA A 819 -4.82 -18.82 2.14
N GLN A 820 -4.74 -18.18 0.97
CA GLN A 820 -4.01 -18.77 -0.17
C GLN A 820 -2.51 -18.81 0.05
N TYR A 821 -1.92 -17.73 0.55
CA TYR A 821 -0.51 -17.74 0.93
C TYR A 821 -0.22 -18.84 1.96
N ALA A 822 -1.08 -18.92 2.97
CA ALA A 822 -0.93 -19.88 4.05
C ALA A 822 -0.93 -21.34 3.54
N ARG A 823 -1.92 -21.68 2.73
CA ARG A 823 -2.05 -23.03 2.22
C ARG A 823 -1.07 -23.38 1.11
N GLU A 824 -0.79 -22.45 0.20
CA GLU A 824 -0.05 -22.77 -1.04
C GLU A 824 1.44 -22.38 -0.99
N ILE A 825 1.84 -21.53 -0.05
CA ILE A 825 3.23 -21.10 0.08
C ILE A 825 3.82 -21.47 1.45
N TRP A 826 3.15 -21.10 2.53
CA TRP A 826 3.71 -21.22 3.88
C TRP A 826 3.51 -22.57 4.51
N GLY A 827 2.52 -23.33 4.03
CA GLY A 827 2.23 -24.65 4.58
C GLY A 827 1.65 -24.63 5.98
N VAL A 828 0.75 -23.69 6.24
CA VAL A 828 0.04 -23.59 7.53
C VAL A 828 -1.44 -23.44 7.26
N GLU A 829 -2.25 -23.84 8.24
CA GLU A 829 -3.70 -23.83 8.12
C GLU A 829 -4.25 -22.62 8.87
N PRO A 830 -5.04 -21.77 8.19
CA PRO A 830 -5.72 -20.70 8.92
C PRO A 830 -6.77 -21.24 9.93
N SER A 831 -7.12 -20.42 10.90
CA SER A 831 -8.09 -20.80 11.91
C SER A 831 -8.96 -19.59 12.27
N ARG A 832 -10.27 -19.82 12.35
CA ARG A 832 -11.23 -18.78 12.79
C ARG A 832 -11.56 -18.88 14.28
N GLN A 833 -10.97 -19.86 14.97
CA GLN A 833 -11.21 -20.08 16.40
C GLN A 833 -10.58 -19.00 17.32
N ARG A 834 -11.34 -18.69 18.36
CA ARG A 834 -11.04 -17.64 19.32
C ARG A 834 -10.10 -18.18 20.38
N LEU A 835 -9.06 -17.42 20.74
CA LEU A 835 -8.36 -17.66 22.01
C LEU A 835 -9.29 -17.23 23.16
N PRO A 836 -9.12 -17.82 24.36
CA PRO A 836 -9.95 -17.37 25.50
C PRO A 836 -9.63 -15.92 25.91
N ALA A 837 -10.66 -15.16 26.29
CA ALA A 837 -10.51 -13.75 26.65
C ALA A 837 -9.99 -13.58 28.08
N1 PLP B . -2.40 5.23 -1.19
C2 PLP B . -3.26 5.14 -0.16
C2A PLP B . -3.26 6.14 0.95
C3 PLP B . -4.19 4.02 -0.10
O3 PLP B . -5.09 3.84 0.90
C4 PLP B . -4.17 3.06 -1.22
C4A PLP B . -5.08 1.86 -1.28
C5 PLP B . -3.19 3.25 -2.27
C6 PLP B . -2.35 4.37 -2.21
C5A PLP B . -3.14 2.32 -3.49
O4P PLP B . -4.09 2.83 -4.47
P PLP B . -3.94 2.38 -6.03
O1P PLP B . -5.13 3.09 -6.64
O2P PLP B . -2.62 2.90 -6.48
O3P PLP B . -4.04 0.87 -6.02
O6' 9LE C . 0.87 -5.24 -4.74
C6' 9LE C . 0.57 -4.00 -4.12
C5' 9LE C . 0.82 -2.82 -5.05
C4' 9LE C . 0.07 -3.00 -6.39
O4' 9LE C . -1.33 -3.03 -6.17
C3' 9LE C . 0.40 -1.87 -7.35
O3' 9LE C . -0.17 -2.20 -8.63
O5' 9LE C . 2.23 -2.67 -5.28
C1' 9LE C . 2.53 -1.50 -6.04
C2' 9LE C . 1.92 -1.67 -7.45
N2' 9LE C . 2.23 -0.50 -8.28
C1 9LE C . 4.00 -1.39 -6.10
N2 9LE C . 4.80 -2.16 -6.84
C3 9LE C . 6.09 -1.81 -6.63
C4 9LE C . 6.06 -0.76 -5.73
N5 9LE C . 4.77 -0.52 -5.39
C6 9LE C . 7.25 -0.07 -5.15
C11 9LE C . 7.10 0.65 -3.97
C10 9LE C . 8.20 1.27 -3.39
C9 9LE C . 9.45 1.14 -3.97
C15 9LE C . 10.56 1.76 -3.38
C14 9LE C . 11.83 1.63 -3.98
C13 9LE C . 11.98 0.90 -5.17
C12 9LE C . 10.87 0.28 -5.76
C8 9LE C . 9.61 0.42 -5.16
C7 9LE C . 8.51 -0.20 -5.74
O6' 9LE D . 8.29 5.35 22.01
C6' 9LE D . 7.50 4.63 22.94
C5' 9LE D . 6.18 5.37 23.21
C4' 9LE D . 6.44 6.78 23.73
O4' 9LE D . 5.21 7.54 23.65
C3' 9LE D . 7.00 6.79 25.15
O3' 9LE D . 8.40 7.08 25.07
O5' 9LE D . 5.31 4.64 24.11
C1' 9LE D . 5.40 4.94 25.53
C2' 9LE D . 6.75 5.50 25.95
N2' 9LE D . 6.72 5.65 27.40
C1 9LE D . 5.13 3.71 26.31
N2 9LE D . 5.70 3.16 27.43
C3 9LE D . 5.05 2.01 27.71
C4 9LE D . 4.09 1.87 26.74
N5 9LE D . 4.17 2.91 25.92
C6 9LE D . 3.07 0.87 26.45
C11 9LE D . 2.34 0.15 27.40
C10 9LE D . 1.38 -0.75 26.95
C9 9LE D . 1.16 -0.91 25.59
C15 9LE D . 0.20 -1.81 25.11
C14 9LE D . -0.01 -1.94 23.73
C13 9LE D . 0.74 -1.18 22.84
C12 9LE D . 1.69 -0.29 23.29
C8 9LE D . 1.89 -0.17 24.65
C7 9LE D . 2.83 0.72 25.09
#